data_2WVT
#
_entry.id   2WVT
#
_cell.length_a   104.830
_cell.length_b   85.160
_cell.length_c   121.285
_cell.angle_alpha   90.00
_cell.angle_beta   108.73
_cell.angle_gamma   90.00
#
_symmetry.space_group_name_H-M   'I 1 2 1'
#
loop_
_entity.id
_entity.type
_entity.pdbx_description
1 polymer ALPHA-L-FUCOSIDASE
2 non-polymer (2S,3R,5R,6S)-3,4,5-TRIHYDROXY-2,6-BIS(HYDROXYMETHYL)PIPERIDINIUM
3 non-polymer GLYCEROL
4 non-polymer IMIDAZOLE
5 water water
#
_entity_poly.entity_id   1
_entity_poly.type   'polypeptide(L)'
_entity_poly.pdbx_seq_one_letter_code
;EAKKEIPLKYGATNEGKRQDPAMQKFRDNRLGAFIHWGLYAIPGGEWNGKVYGGAAEWLKSWAKVPADEWLKLMDQWNPT
KFDAKKWAKMAKEMGTKYVKITTKHHEGFCLWPSKYTKYTVANTPYKRDILGELVKAYNDEGIDVHFYFSVMDWSNPDYR
YDIKSKEDSIAFSRFLEFTDNQLKELATRYPTVKDFWFDGTWDASVKKNGWWTAHAEQMLKELVPGVAINSRLRADDKGK
RHFDSNGRLMGDYESGYERRLPDPVKDLKVTQWDWEACMTIPENQWGYHKDWSLSYVKTPIEVIDRIVHAVSMGGNMVVN
FGPQADGDFRPEEKAMATAIGKWMNRYGKAVYACDYAGFEKQDWGYYTRGKNDEVYMVVFNQPYSERLIVKTPKGITVEK
ATLLTTGEDITVVETTRNEYNVSVPKKNPGEPYVIQLKVRAAK
;
_entity_poly.pdbx_strand_id   A,B
#
loop_
_chem_comp.id
_chem_comp.type
_chem_comp.name
_chem_comp.formula
FHN non-polymer (2S,3R,5R,6S)-3,4,5-TRIHYDROXY-2,6-BIS(HYDROXYMETHYL)PIPERIDINIUM 'C7 H16 N O5 1'
GOL non-polymer GLYCEROL 'C3 H8 O3'
IMD non-polymer IMIDAZOLE 'C3 H5 N2 1'
#
# COMPACT_ATOMS: atom_id res chain seq x y z
N GLU A 5 -16.75 -22.67 23.92
CA GLU A 5 -17.18 -23.60 22.81
C GLU A 5 -18.67 -23.96 22.95
N ILE A 6 -19.52 -23.22 22.23
CA ILE A 6 -20.98 -23.25 22.40
C ILE A 6 -21.61 -24.35 21.53
N PRO A 7 -22.40 -25.24 22.14
CA PRO A 7 -23.04 -26.32 21.34
C PRO A 7 -24.21 -25.79 20.50
N LEU A 8 -24.17 -26.03 19.19
CA LEU A 8 -25.22 -25.52 18.28
C LEU A 8 -25.82 -26.67 17.48
N LYS A 9 -27.11 -26.55 17.20
CA LYS A 9 -27.79 -27.47 16.28
C LYS A 9 -27.80 -26.91 14.85
N TYR A 10 -27.79 -25.57 14.73
CA TYR A 10 -27.92 -24.91 13.42
C TYR A 10 -26.75 -23.98 13.07
N GLY A 11 -25.55 -24.34 13.52
CA GLY A 11 -24.34 -23.57 13.20
C GLY A 11 -23.67 -24.11 11.95
N ALA A 12 -22.37 -23.86 11.83
CA ALA A 12 -21.60 -24.24 10.64
C ALA A 12 -21.69 -25.75 10.40
N THR A 13 -21.70 -26.13 9.12
CA THR A 13 -21.75 -27.54 8.72
C THR A 13 -20.45 -28.01 8.07
N ASN A 14 -19.72 -27.10 7.42
CA ASN A 14 -18.39 -27.43 6.90
C ASN A 14 -17.29 -27.15 7.92
N GLU A 15 -16.23 -27.94 7.81
CA GLU A 15 -14.96 -27.63 8.47
C GLU A 15 -14.01 -27.20 7.39
N GLY A 16 -13.59 -25.95 7.46
CA GLY A 16 -12.75 -25.37 6.42
C GLY A 16 -13.48 -25.29 5.10
N LYS A 17 -12.70 -25.24 4.03
CA LYS A 17 -13.23 -25.11 2.69
C LYS A 17 -13.71 -26.46 2.13
N ARG A 18 -14.91 -26.50 1.55
CA ARG A 18 -15.30 -27.69 0.77
C ARG A 18 -14.28 -27.92 -0.33
N GLN A 19 -13.98 -29.19 -0.62
CA GLN A 19 -13.01 -29.51 -1.68
C GLN A 19 -13.51 -30.57 -2.66
N ASP A 20 -14.80 -30.89 -2.57
CA ASP A 20 -15.49 -31.64 -3.62
C ASP A 20 -15.45 -30.89 -4.96
N PRO A 21 -15.53 -31.61 -6.08
CA PRO A 21 -15.41 -31.00 -7.41
C PRO A 21 -16.34 -29.83 -7.74
N ALA A 22 -17.54 -29.84 -7.16
CA ALA A 22 -18.54 -28.80 -7.37
C ALA A 22 -18.06 -27.49 -6.78
N MET A 23 -17.50 -27.59 -5.59
CA MET A 23 -17.00 -26.38 -4.91
C MET A 23 -15.73 -25.91 -5.56
N GLN A 24 -14.87 -26.84 -5.95
CA GLN A 24 -13.68 -26.49 -6.73
C GLN A 24 -14.04 -25.74 -8.02
N LYS A 25 -15.15 -26.11 -8.64
CA LYS A 25 -15.60 -25.44 -9.85
C LYS A 25 -16.11 -24.04 -9.52
N PHE A 26 -16.92 -23.94 -8.47
CA PHE A 26 -17.45 -22.66 -7.98
C PHE A 26 -16.30 -21.68 -7.82
N ARG A 27 -15.29 -22.16 -7.13
CA ARG A 27 -14.08 -21.38 -6.82
C ARG A 27 -13.22 -21.08 -8.02
N ASP A 28 -12.92 -22.07 -8.86
CA ASP A 28 -12.10 -21.83 -10.05
C ASP A 28 -12.74 -20.93 -11.08
N ASN A 29 -14.08 -20.90 -11.13
CA ASN A 29 -14.77 -19.97 -12.00
C ASN A 29 -14.31 -18.51 -11.80
N ARG A 30 -14.16 -18.12 -10.53
CA ARG A 30 -13.73 -16.80 -10.10
C ARG A 30 -14.54 -15.58 -10.58
N LEU A 31 -14.81 -15.45 -11.87
CA LEU A 31 -15.49 -14.26 -12.42
C LEU A 31 -16.91 -14.60 -12.83
N GLY A 32 -17.85 -13.89 -12.21
CA GLY A 32 -19.28 -14.04 -12.46
C GLY A 32 -19.91 -12.74 -12.90
N ALA A 33 -21.09 -12.85 -13.49
CA ALA A 33 -21.95 -11.73 -13.75
C ALA A 33 -23.20 -11.85 -12.88
N PHE A 34 -23.72 -10.70 -12.46
CA PHE A 34 -24.98 -10.61 -11.75
C PHE A 34 -25.97 -10.04 -12.77
N ILE A 35 -27.19 -10.58 -12.82
CA ILE A 35 -28.28 -9.95 -13.56
C ILE A 35 -29.38 -9.60 -12.56
N HIS A 36 -29.64 -8.31 -12.39
CA HIS A 36 -30.85 -7.84 -11.70
C HIS A 36 -31.83 -7.42 -12.80
N TRP A 37 -32.86 -8.23 -12.99
CA TRP A 37 -33.95 -7.92 -13.93
C TRP A 37 -35.29 -8.26 -13.30
N GLY A 38 -36.17 -7.28 -13.29
CA GLY A 38 -37.54 -7.42 -12.76
C GLY A 38 -38.33 -6.21 -13.18
N LEU A 39 -39.49 -6.00 -12.53
CA LEU A 39 -40.44 -4.96 -12.94
C LEU A 39 -39.87 -3.56 -12.84
N TYR A 40 -38.98 -3.36 -11.85
CA TYR A 40 -38.25 -2.09 -11.69
C TYR A 40 -37.55 -1.59 -12.96
N ALA A 41 -37.23 -2.48 -13.88
CA ALA A 41 -36.59 -2.06 -15.12
C ALA A 41 -37.50 -1.20 -16.01
N ILE A 42 -38.81 -1.35 -15.83
CA ILE A 42 -39.79 -0.54 -16.58
C ILE A 42 -39.78 0.94 -16.18
N PRO A 43 -40.05 1.27 -14.91
CA PRO A 43 -39.91 2.67 -14.53
C PRO A 43 -38.47 3.20 -14.50
N GLY A 44 -37.49 2.32 -14.28
CA GLY A 44 -36.07 2.74 -14.29
C GLY A 44 -35.70 3.88 -13.36
N GLY A 45 -36.26 3.88 -12.15
CA GLY A 45 -35.92 4.87 -11.12
C GLY A 45 -36.78 6.11 -11.11
N GLU A 46 -37.74 6.18 -12.02
CA GLU A 46 -38.64 7.34 -12.08
C GLU A 46 -40.06 6.89 -11.81
N TRP A 47 -40.76 7.65 -10.97
CA TRP A 47 -42.19 7.42 -10.66
C TRP A 47 -42.94 8.73 -10.46
N ASN A 48 -44.03 8.91 -11.22
CA ASN A 48 -44.83 10.14 -11.19
C ASN A 48 -44.01 11.41 -11.33
N GLY A 49 -43.17 11.44 -12.37
CA GLY A 49 -42.42 12.65 -12.75
C GLY A 49 -41.28 13.02 -11.84
N LYS A 50 -40.87 12.08 -10.97
CA LYS A 50 -39.75 12.28 -10.07
C LYS A 50 -38.77 11.13 -10.28
N VAL A 51 -37.54 11.47 -10.68
CA VAL A 51 -36.44 10.50 -10.76
C VAL A 51 -35.83 10.41 -9.38
N TYR A 52 -35.79 9.20 -8.81
CA TYR A 52 -35.20 8.96 -7.49
C TYR A 52 -33.75 8.51 -7.65
N GLY A 53 -32.85 9.09 -6.87
CA GLY A 53 -31.42 8.77 -6.93
C GLY A 53 -31.02 7.44 -6.28
N GLY A 54 -31.91 6.86 -5.49
CA GLY A 54 -31.65 5.57 -4.86
C GLY A 54 -31.65 4.41 -5.84
N ALA A 55 -31.19 3.23 -5.38
CA ALA A 55 -31.11 2.04 -6.23
C ALA A 55 -32.46 1.80 -6.87
N ALA A 56 -32.48 1.71 -8.19
CA ALA A 56 -33.73 1.54 -8.96
C ALA A 56 -34.56 0.32 -8.57
N GLU A 57 -33.92 -0.72 -8.10
CA GLU A 57 -34.67 -1.93 -7.73
C GLU A 57 -35.44 -1.77 -6.40
N TRP A 58 -35.18 -0.68 -5.69
CA TRP A 58 -35.92 -0.28 -4.46
C TRP A 58 -36.92 0.86 -4.70
N LEU A 59 -37.22 1.17 -5.96
CA LEU A 59 -38.09 2.32 -6.26
C LEU A 59 -39.46 2.17 -5.57
N LYS A 60 -39.99 0.95 -5.51
CA LYS A 60 -41.26 0.71 -4.81
C LYS A 60 -41.24 1.29 -3.41
N SER A 61 -40.11 1.12 -2.71
CA SER A 61 -39.91 1.69 -1.39
C SER A 61 -39.67 3.20 -1.40
N TRP A 62 -38.83 3.68 -2.30
CA TRP A 62 -38.53 5.12 -2.37
C TRP A 62 -39.80 5.92 -2.69
N ALA A 63 -40.58 5.43 -3.64
CA ALA A 63 -41.75 6.16 -4.13
C ALA A 63 -43.03 5.74 -3.39
N LYS A 64 -42.85 4.93 -2.32
CA LYS A 64 -43.94 4.32 -1.53
C LYS A 64 -45.12 3.81 -2.37
N VAL A 65 -44.82 2.91 -3.29
CA VAL A 65 -45.85 2.35 -4.15
C VAL A 65 -46.51 1.16 -3.47
N PRO A 66 -47.85 1.20 -3.30
CA PRO A 66 -48.50 0.02 -2.75
C PRO A 66 -48.32 -1.19 -3.65
N ALA A 67 -48.27 -2.37 -3.04
CA ALA A 67 -48.03 -3.63 -3.74
C ALA A 67 -48.94 -3.79 -4.96
N ASP A 68 -50.24 -3.53 -4.80
CA ASP A 68 -51.18 -3.70 -5.91
C ASP A 68 -50.81 -2.80 -7.09
N GLU A 69 -50.45 -1.55 -6.83
CA GLU A 69 -50.07 -0.63 -7.89
C GLU A 69 -48.74 -1.02 -8.56
N TRP A 70 -47.78 -1.47 -7.75
CA TRP A 70 -46.46 -1.86 -8.27
C TRP A 70 -46.50 -3.11 -9.15
N LEU A 71 -47.24 -4.11 -8.71
CA LEU A 71 -47.31 -5.35 -9.47
C LEU A 71 -48.10 -5.21 -10.80
N LYS A 72 -48.86 -4.13 -10.96
CA LYS A 72 -49.51 -3.81 -12.25
C LYS A 72 -48.53 -3.63 -13.40
N LEU A 73 -47.27 -3.30 -13.08
CA LEU A 73 -46.22 -3.17 -14.07
C LEU A 73 -46.09 -4.44 -14.90
N MET A 74 -46.55 -5.57 -14.34
CA MET A 74 -46.66 -6.82 -15.09
C MET A 74 -47.37 -6.65 -16.42
N ASP A 75 -48.34 -5.74 -16.51
CA ASP A 75 -49.07 -5.50 -17.76
C ASP A 75 -48.18 -4.85 -18.82
N GLN A 76 -47.10 -4.21 -18.41
CA GLN A 76 -46.16 -3.55 -19.34
C GLN A 76 -44.94 -4.41 -19.67
N TRP A 77 -44.83 -5.59 -19.05
CA TRP A 77 -43.67 -6.47 -19.20
C TRP A 77 -43.74 -7.23 -20.52
N ASN A 78 -42.96 -6.76 -21.49
CA ASN A 78 -42.90 -7.35 -22.82
C ASN A 78 -41.54 -7.07 -23.45
N PRO A 79 -40.49 -7.84 -23.02
CA PRO A 79 -39.12 -7.62 -23.48
C PRO A 79 -38.88 -8.14 -24.88
N THR A 80 -39.34 -7.35 -25.85
CA THR A 80 -39.35 -7.81 -27.23
C THR A 80 -37.94 -8.07 -27.82
N LYS A 81 -36.92 -7.42 -27.27
CA LYS A 81 -35.54 -7.64 -27.74
C LYS A 81 -34.79 -8.77 -27.02
N PHE A 82 -35.41 -9.39 -26.02
CA PHE A 82 -34.79 -10.46 -25.29
C PHE A 82 -34.47 -11.61 -26.19
N ASP A 83 -33.23 -12.08 -26.06
CA ASP A 83 -32.78 -13.30 -26.70
C ASP A 83 -31.73 -13.94 -25.81
N ALA A 84 -32.08 -15.08 -25.21
CA ALA A 84 -31.25 -15.69 -24.22
C ALA A 84 -29.87 -16.08 -24.81
N LYS A 85 -29.84 -16.41 -26.10
CA LYS A 85 -28.58 -16.79 -26.76
C LYS A 85 -27.66 -15.56 -26.88
N LYS A 86 -28.22 -14.37 -27.09
CA LYS A 86 -27.42 -13.14 -27.18
C LYS A 86 -26.89 -12.75 -25.80
N TRP A 87 -27.69 -13.04 -24.77
CA TRP A 87 -27.26 -12.84 -23.38
C TRP A 87 -26.12 -13.79 -23.05
N ALA A 88 -26.25 -15.05 -23.44
CA ALA A 88 -25.20 -16.04 -23.22
C ALA A 88 -23.91 -15.74 -23.98
N LYS A 89 -24.03 -15.26 -25.21
CA LYS A 89 -22.88 -14.80 -25.99
C LYS A 89 -22.17 -13.59 -25.32
N MET A 90 -22.95 -12.62 -24.84
CA MET A 90 -22.40 -11.45 -24.13
C MET A 90 -21.57 -11.91 -22.93
N ALA A 91 -22.10 -12.86 -22.17
CA ALA A 91 -21.43 -13.40 -20.98
C ALA A 91 -20.15 -14.14 -21.33
N LYS A 92 -20.26 -15.05 -22.29
CA LYS A 92 -19.13 -15.89 -22.71
C LYS A 92 -17.99 -15.00 -23.18
N GLU A 93 -18.32 -13.97 -23.96
CA GLU A 93 -17.30 -13.08 -24.48
C GLU A 93 -16.73 -12.12 -23.42
N MET A 94 -17.47 -11.89 -22.34
CA MET A 94 -16.92 -11.13 -21.22
C MET A 94 -15.89 -11.93 -20.44
N GLY A 95 -15.93 -13.25 -20.56
CA GLY A 95 -15.11 -14.12 -19.75
C GLY A 95 -15.75 -14.59 -18.45
N THR A 96 -17.03 -14.29 -18.29
CA THR A 96 -17.74 -14.75 -17.10
C THR A 96 -17.91 -16.25 -17.20
N LYS A 97 -17.63 -16.93 -16.10
CA LYS A 97 -17.76 -18.36 -16.02
C LYS A 97 -19.09 -18.74 -15.37
N TYR A 98 -19.78 -17.76 -14.80
CA TYR A 98 -21.10 -18.00 -14.22
C TYR A 98 -21.92 -16.75 -14.13
N VAL A 99 -23.24 -16.95 -14.08
CA VAL A 99 -24.18 -15.87 -13.99
C VAL A 99 -25.14 -16.15 -12.84
N LYS A 100 -25.27 -15.17 -11.98
CA LYS A 100 -26.23 -15.18 -10.89
C LYS A 100 -27.44 -14.34 -11.30
N ILE A 101 -28.62 -14.94 -11.31
CA ILE A 101 -29.82 -14.31 -11.88
C ILE A 101 -30.87 -14.09 -10.80
N THR A 102 -31.44 -12.90 -10.73
CA THR A 102 -32.53 -12.68 -9.79
C THR A 102 -33.77 -13.47 -10.21
N THR A 103 -33.99 -14.61 -9.58
CA THR A 103 -35.21 -15.39 -9.83
C THR A 103 -36.44 -14.59 -9.38
N LYS A 104 -36.33 -13.96 -8.22
CA LYS A 104 -37.23 -12.94 -7.80
C LYS A 104 -36.49 -12.02 -6.85
N HIS A 105 -36.70 -10.72 -6.99
CA HIS A 105 -36.12 -9.76 -6.09
C HIS A 105 -37.15 -9.44 -4.98
N HIS A 106 -36.90 -8.39 -4.18
CA HIS A 106 -37.81 -8.02 -3.08
C HIS A 106 -39.26 -7.79 -3.56
N GLU A 107 -39.42 -7.17 -4.72
CA GLU A 107 -40.73 -6.93 -5.33
C GLU A 107 -41.61 -8.20 -5.47
N GLY A 108 -40.97 -9.37 -5.57
CA GLY A 108 -41.68 -10.66 -5.52
C GLY A 108 -42.10 -11.17 -6.89
N PHE A 109 -41.80 -10.41 -7.95
CA PHE A 109 -42.11 -10.84 -9.31
C PHE A 109 -41.14 -11.89 -9.78
N CYS A 110 -41.66 -13.02 -10.25
CA CYS A 110 -40.84 -14.21 -10.51
C CYS A 110 -40.49 -14.32 -11.99
N LEU A 111 -39.22 -14.60 -12.28
CA LEU A 111 -38.77 -14.74 -13.67
C LEU A 111 -39.04 -16.10 -14.27
N TRP A 112 -39.66 -16.99 -13.48
CA TRP A 112 -40.09 -18.30 -13.91
C TRP A 112 -41.59 -18.43 -13.56
N PRO A 113 -42.34 -19.23 -14.33
CA PRO A 113 -43.78 -19.38 -14.10
C PRO A 113 -44.06 -20.26 -12.86
N SER A 114 -43.90 -19.68 -11.67
CA SER A 114 -44.17 -20.36 -10.39
C SER A 114 -45.64 -20.75 -10.24
N LYS A 115 -45.84 -21.96 -9.70
CA LYS A 115 -47.15 -22.47 -9.32
C LYS A 115 -47.75 -21.76 -8.10
N TYR A 116 -46.91 -21.06 -7.32
CA TYR A 116 -47.31 -20.64 -5.95
C TYR A 116 -47.62 -19.15 -5.79
N THR A 117 -47.58 -18.44 -6.91
CA THR A 117 -48.01 -17.07 -6.96
C THR A 117 -48.44 -16.71 -8.35
N LYS A 118 -49.28 -15.68 -8.44
CA LYS A 118 -49.75 -15.17 -9.71
C LYS A 118 -48.76 -14.18 -10.30
N TYR A 119 -47.82 -13.70 -9.48
CA TYR A 119 -46.90 -12.62 -9.87
C TYR A 119 -45.64 -13.20 -10.54
N THR A 120 -45.83 -13.68 -11.76
CA THR A 120 -44.77 -14.32 -12.53
C THR A 120 -44.80 -13.88 -13.99
N VAL A 121 -43.74 -14.23 -14.72
CA VAL A 121 -43.67 -13.98 -16.16
C VAL A 121 -44.85 -14.58 -16.96
N ALA A 122 -45.43 -15.69 -16.47
CA ALA A 122 -46.60 -16.33 -17.11
C ALA A 122 -47.78 -15.36 -17.30
N ASN A 123 -47.96 -14.45 -16.36
CA ASN A 123 -49.09 -13.53 -16.36
C ASN A 123 -48.70 -12.14 -16.86
N THR A 124 -47.82 -12.12 -17.86
CA THR A 124 -47.44 -10.88 -18.53
C THR A 124 -47.78 -11.07 -20.00
N PRO A 125 -47.76 -9.99 -20.79
CA PRO A 125 -47.88 -10.17 -22.24
C PRO A 125 -46.79 -11.02 -22.88
N TYR A 126 -45.60 -11.06 -22.27
CA TYR A 126 -44.47 -11.82 -22.83
C TYR A 126 -44.65 -13.30 -22.62
N LYS A 127 -45.22 -13.67 -21.47
CA LYS A 127 -45.62 -15.07 -21.16
C LYS A 127 -44.48 -16.05 -20.94
N ARG A 128 -43.37 -15.86 -21.63
CA ARG A 128 -42.34 -16.90 -21.70
C ARG A 128 -41.53 -17.11 -20.39
N ASP A 129 -40.95 -18.29 -20.24
CA ASP A 129 -40.16 -18.63 -19.07
C ASP A 129 -38.73 -18.07 -19.30
N ILE A 130 -38.54 -16.80 -18.94
CA ILE A 130 -37.23 -16.11 -18.99
C ILE A 130 -36.13 -16.93 -18.29
N LEU A 131 -36.40 -17.39 -17.05
CA LEU A 131 -35.37 -18.08 -16.29
C LEU A 131 -34.94 -19.35 -17.03
N GLY A 132 -35.92 -20.13 -17.47
CA GLY A 132 -35.63 -21.42 -18.11
C GLY A 132 -34.87 -21.17 -19.39
N GLU A 133 -35.23 -20.10 -20.11
CA GLU A 133 -34.57 -19.77 -21.38
C GLU A 133 -33.12 -19.39 -21.14
N LEU A 134 -32.88 -18.52 -20.17
CA LEU A 134 -31.52 -18.20 -19.71
C LEU A 134 -30.68 -19.39 -19.26
N VAL A 135 -31.26 -20.26 -18.43
CA VAL A 135 -30.54 -21.43 -17.93
C VAL A 135 -29.99 -22.32 -19.07
N LYS A 136 -30.86 -22.63 -20.03
CA LYS A 136 -30.43 -23.42 -21.18
C LYS A 136 -29.36 -22.71 -22.00
N ALA A 137 -29.56 -21.43 -22.30
CA ALA A 137 -28.64 -20.69 -23.15
C ALA A 137 -27.26 -20.50 -22.48
N TYR A 138 -27.24 -20.16 -21.20
CA TYR A 138 -25.97 -20.02 -20.50
C TYR A 138 -25.30 -21.39 -20.45
N ASN A 139 -26.07 -22.42 -20.13
CA ASN A 139 -25.49 -23.73 -19.98
C ASN A 139 -24.86 -24.24 -21.29
N ASP A 140 -25.44 -23.89 -22.42
CA ASP A 140 -24.93 -24.37 -23.72
C ASP A 140 -23.63 -23.69 -24.05
N GLU A 141 -23.40 -22.52 -23.46
CA GLU A 141 -22.15 -21.80 -23.63
C GLU A 141 -21.09 -22.24 -22.61
N GLY A 142 -21.41 -23.19 -21.75
CA GLY A 142 -20.49 -23.69 -20.70
C GLY A 142 -20.49 -22.85 -19.42
N ILE A 143 -21.51 -22.00 -19.27
CA ILE A 143 -21.61 -21.03 -18.16
C ILE A 143 -22.55 -21.56 -17.06
N ASP A 144 -22.03 -21.67 -15.84
CA ASP A 144 -22.82 -22.10 -14.71
C ASP A 144 -23.87 -21.04 -14.36
N VAL A 145 -25.01 -21.49 -13.87
CA VAL A 145 -26.07 -20.56 -13.46
C VAL A 145 -26.37 -20.72 -11.96
N HIS A 146 -26.40 -19.56 -11.31
CA HIS A 146 -26.68 -19.44 -9.89
C HIS A 146 -27.97 -18.66 -9.78
N PHE A 147 -28.76 -19.01 -8.79
CA PHE A 147 -30.06 -18.37 -8.54
C PHE A 147 -30.02 -17.43 -7.35
N TYR A 148 -30.19 -16.15 -7.60
CA TYR A 148 -30.46 -15.19 -6.55
C TYR A 148 -31.94 -15.37 -6.16
N PHE A 149 -32.20 -15.33 -4.86
CA PHE A 149 -33.54 -15.45 -4.33
C PHE A 149 -33.66 -14.59 -3.08
N SER A 150 -34.56 -13.64 -3.13
CA SER A 150 -34.92 -12.81 -2.00
C SER A 150 -35.94 -13.54 -1.14
N VAL A 151 -35.59 -13.83 0.13
CA VAL A 151 -36.57 -14.36 1.08
C VAL A 151 -37.61 -13.29 1.36
N MET A 152 -37.17 -12.08 1.73
CA MET A 152 -38.06 -10.91 1.83
C MET A 152 -38.86 -10.71 0.53
N ASP A 153 -40.19 -10.59 0.65
CA ASP A 153 -41.06 -10.55 -0.53
C ASP A 153 -42.19 -9.57 -0.29
N TRP A 154 -42.11 -8.41 -0.93
CA TRP A 154 -43.07 -7.34 -0.78
C TRP A 154 -44.42 -7.60 -1.46
N SER A 155 -44.52 -8.73 -2.15
CA SER A 155 -45.74 -9.10 -2.87
C SER A 155 -46.61 -10.03 -2.04
N ASN A 156 -46.04 -10.67 -1.03
CA ASN A 156 -46.78 -11.58 -0.14
C ASN A 156 -47.10 -10.90 1.19
N PRO A 157 -48.40 -10.60 1.46
CA PRO A 157 -48.71 -9.91 2.72
C PRO A 157 -48.52 -10.77 3.99
N ASP A 158 -48.22 -12.05 3.83
CA ASP A 158 -47.84 -12.89 4.98
C ASP A 158 -46.39 -12.70 5.42
N TYR A 159 -45.62 -11.91 4.68
CA TYR A 159 -44.27 -11.58 5.13
C TYR A 159 -44.34 -10.72 6.40
N ARG A 160 -43.40 -10.93 7.31
CA ARG A 160 -43.28 -10.13 8.54
C ARG A 160 -41.82 -9.75 8.76
N TYR A 161 -41.62 -8.55 9.30
CA TYR A 161 -40.28 -8.07 9.63
C TYR A 161 -39.84 -8.51 11.03
N ASP A 162 -40.83 -8.82 11.87
CA ASP A 162 -40.56 -9.32 13.22
C ASP A 162 -41.83 -10.08 13.59
N ILE A 163 -41.74 -10.91 14.62
CA ILE A 163 -42.87 -11.70 15.11
C ILE A 163 -43.22 -11.26 16.54
N LYS A 164 -44.26 -10.42 16.66
CA LYS A 164 -44.66 -9.81 17.93
C LYS A 164 -46.13 -10.05 18.27
N SER A 165 -46.72 -11.08 17.67
CA SER A 165 -48.12 -11.45 17.95
C SER A 165 -48.45 -12.81 17.39
N LYS A 166 -49.52 -13.40 17.91
CA LYS A 166 -50.09 -14.64 17.38
C LYS A 166 -50.36 -14.54 15.86
N GLU A 167 -50.88 -13.41 15.41
CA GLU A 167 -51.22 -13.22 13.97
C GLU A 167 -49.93 -13.24 13.12
N ASP A 168 -48.93 -12.51 13.61
CA ASP A 168 -47.57 -12.53 13.03
C ASP A 168 -47.06 -13.95 12.91
N SER A 169 -47.19 -14.74 13.98
CA SER A 169 -46.74 -16.13 13.98
C SER A 169 -47.42 -17.01 12.91
N ILE A 170 -48.73 -16.89 12.81
CA ILE A 170 -49.54 -17.67 11.87
C ILE A 170 -49.24 -17.24 10.44
N ALA A 171 -49.18 -15.93 10.21
CA ALA A 171 -48.89 -15.39 8.89
C ALA A 171 -47.48 -15.81 8.43
N PHE A 172 -46.48 -15.64 9.29
CA PHE A 172 -45.09 -15.89 8.90
C PHE A 172 -44.85 -17.36 8.65
N SER A 173 -45.58 -18.21 9.36
CA SER A 173 -45.55 -19.66 9.10
C SER A 173 -45.98 -20.01 7.67
N ARG A 174 -47.08 -19.42 7.22
CA ARG A 174 -47.58 -19.50 5.84
C ARG A 174 -46.51 -19.01 4.85
N PHE A 175 -45.85 -17.93 5.23
CA PHE A 175 -44.81 -17.36 4.40
C PHE A 175 -43.62 -18.30 4.23
N LEU A 176 -43.16 -18.88 5.33
CA LEU A 176 -42.08 -19.89 5.23
C LEU A 176 -42.44 -21.12 4.36
N GLU A 177 -43.68 -21.58 4.46
CA GLU A 177 -44.17 -22.68 3.62
C GLU A 177 -44.13 -22.30 2.15
N PHE A 178 -44.68 -21.13 1.83
CA PHE A 178 -44.63 -20.57 0.49
C PHE A 178 -43.19 -20.51 -0.06
N THR A 179 -42.29 -19.94 0.73
CA THR A 179 -40.87 -19.86 0.38
C THR A 179 -40.28 -21.24 0.13
N ASP A 180 -40.56 -22.18 1.03
CA ASP A 180 -40.12 -23.55 0.82
C ASP A 180 -40.63 -24.08 -0.52
N ASN A 181 -41.89 -23.82 -0.83
CA ASN A 181 -42.49 -24.29 -2.07
C ASN A 181 -41.79 -23.72 -3.31
N GLN A 182 -41.47 -22.44 -3.29
CA GLN A 182 -40.77 -21.86 -4.43
C GLN A 182 -39.36 -22.43 -4.56
N LEU A 183 -38.67 -22.60 -3.45
CA LEU A 183 -37.32 -23.14 -3.49
C LEU A 183 -37.28 -24.55 -4.07
N LYS A 184 -38.17 -25.43 -3.59
CA LYS A 184 -38.25 -26.81 -4.14
C LYS A 184 -38.57 -26.78 -5.63
N GLU A 185 -39.46 -25.88 -6.00
CA GLU A 185 -39.86 -25.73 -7.38
C GLU A 185 -38.67 -25.31 -8.27
N LEU A 186 -37.92 -24.29 -7.84
CA LEU A 186 -36.72 -23.89 -8.59
C LEU A 186 -35.72 -25.03 -8.73
N ALA A 187 -35.48 -25.74 -7.62
CA ALA A 187 -34.49 -26.82 -7.60
C ALA A 187 -34.87 -27.99 -8.53
N THR A 188 -36.17 -28.20 -8.72
CA THR A 188 -36.64 -29.36 -9.49
C THR A 188 -36.91 -28.97 -10.94
N ARG A 189 -37.46 -27.77 -11.19
CA ARG A 189 -37.57 -27.26 -12.56
C ARG A 189 -36.21 -27.10 -13.25
N TYR A 190 -35.21 -26.64 -12.50
CA TYR A 190 -33.93 -26.28 -13.07
C TYR A 190 -32.75 -27.00 -12.39
N PRO A 191 -32.67 -28.33 -12.58
CA PRO A 191 -31.70 -29.12 -11.82
C PRO A 191 -30.21 -28.85 -12.15
N THR A 192 -29.89 -28.03 -13.15
CA THR A 192 -28.49 -27.66 -13.41
C THR A 192 -28.00 -26.50 -12.52
N VAL A 193 -28.91 -25.92 -11.74
CA VAL A 193 -28.56 -24.81 -10.84
C VAL A 193 -27.39 -25.22 -9.94
N LYS A 194 -26.38 -24.35 -9.85
CA LYS A 194 -25.15 -24.65 -9.10
C LYS A 194 -25.03 -23.97 -7.72
N ASP A 195 -25.92 -23.02 -7.44
CA ASP A 195 -25.82 -22.17 -6.24
C ASP A 195 -27.15 -21.49 -6.00
N PHE A 196 -27.51 -21.33 -4.73
CA PHE A 196 -28.57 -20.41 -4.33
C PHE A 196 -27.93 -19.29 -3.48
N TRP A 197 -28.11 -18.05 -3.91
CA TRP A 197 -27.57 -16.89 -3.25
C TRP A 197 -28.76 -16.15 -2.67
N PHE A 198 -28.95 -16.33 -1.39
CA PHE A 198 -30.07 -15.73 -0.67
C PHE A 198 -29.79 -14.29 -0.28
N ASP A 199 -30.83 -13.48 -0.27
CA ASP A 199 -30.75 -12.07 0.04
C ASP A 199 -32.01 -11.72 0.80
N GLY A 200 -32.11 -10.52 1.40
CA GLY A 200 -33.36 -10.17 2.11
C GLY A 200 -33.66 -11.12 3.27
N THR A 201 -32.61 -11.49 4.00
CA THR A 201 -32.67 -12.37 5.17
C THR A 201 -32.20 -11.69 6.46
N TRP A 202 -32.11 -10.36 6.44
CA TRP A 202 -31.59 -9.57 7.55
C TRP A 202 -32.65 -9.24 8.63
N ASP A 203 -33.93 -9.46 8.36
CA ASP A 203 -34.95 -9.06 9.36
C ASP A 203 -35.02 -10.02 10.55
N ALA A 204 -35.45 -9.50 11.68
CA ALA A 204 -35.54 -10.24 12.92
C ALA A 204 -36.38 -11.50 12.78
N SER A 205 -37.39 -11.45 11.89
CA SER A 205 -38.25 -12.62 11.58
C SER A 205 -37.44 -13.81 11.11
N VAL A 206 -36.42 -13.55 10.30
CA VAL A 206 -35.55 -14.60 9.79
C VAL A 206 -34.47 -14.99 10.82
N LYS A 207 -33.80 -14.00 11.41
CA LYS A 207 -32.79 -14.21 12.47
C LYS A 207 -33.31 -15.07 13.63
N LYS A 208 -34.58 -14.87 13.99
CA LYS A 208 -35.19 -15.60 15.11
C LYS A 208 -35.55 -17.05 14.75
N ASN A 209 -35.51 -17.35 13.44
CA ASN A 209 -35.81 -18.68 12.88
C ASN A 209 -34.61 -19.32 12.18
N GLY A 210 -33.51 -19.41 12.93
CA GLY A 210 -32.27 -20.00 12.42
C GLY A 210 -32.47 -21.43 11.93
N TRP A 211 -33.27 -22.19 12.69
CA TRP A 211 -33.65 -23.56 12.30
C TRP A 211 -34.10 -23.63 10.84
N TRP A 212 -34.87 -22.63 10.41
CA TRP A 212 -35.43 -22.68 9.08
C TRP A 212 -34.31 -22.50 8.04
N THR A 213 -33.41 -21.54 8.28
CA THR A 213 -32.30 -21.30 7.35
C THR A 213 -31.41 -22.54 7.21
N ALA A 214 -31.18 -23.26 8.31
CA ALA A 214 -30.45 -24.54 8.26
C ALA A 214 -31.25 -25.57 7.47
N HIS A 215 -32.55 -25.57 7.66
CA HIS A 215 -33.43 -26.48 6.90
C HIS A 215 -33.39 -26.19 5.38
N ALA A 216 -33.44 -24.92 5.00
CA ALA A 216 -33.45 -24.57 3.58
C ALA A 216 -32.14 -25.01 2.93
N GLU A 217 -31.04 -24.80 3.64
CA GLU A 217 -29.73 -25.21 3.14
C GLU A 217 -29.72 -26.72 2.89
N GLN A 218 -30.23 -27.45 3.87
CA GLN A 218 -30.18 -28.90 3.81
C GLN A 218 -31.14 -29.45 2.76
N MET A 219 -32.36 -28.93 2.76
CA MET A 219 -33.36 -29.28 1.76
C MET A 219 -32.76 -29.14 0.36
N LEU A 220 -32.06 -28.03 0.11
CA LEU A 220 -31.57 -27.76 -1.24
C LEU A 220 -30.35 -28.61 -1.60
N LYS A 221 -29.52 -28.93 -0.60
CA LYS A 221 -28.36 -29.77 -0.83
C LYS A 221 -28.78 -31.20 -1.16
N GLU A 222 -29.90 -31.62 -0.59
CA GLU A 222 -30.50 -32.92 -0.89
C GLU A 222 -31.13 -32.99 -2.27
N LEU A 223 -31.80 -31.94 -2.69
CA LEU A 223 -32.37 -31.87 -4.02
C LEU A 223 -31.35 -31.66 -5.13
N VAL A 224 -30.28 -30.89 -4.86
CA VAL A 224 -29.32 -30.51 -5.90
C VAL A 224 -27.93 -30.93 -5.44
N PRO A 225 -27.48 -32.12 -5.86
CA PRO A 225 -26.19 -32.58 -5.35
C PRO A 225 -25.03 -31.65 -5.70
N GLY A 226 -24.20 -31.32 -4.71
CA GLY A 226 -23.08 -30.39 -4.89
C GLY A 226 -23.40 -28.91 -4.87
N VAL A 227 -24.69 -28.55 -4.72
CA VAL A 227 -25.11 -27.15 -4.78
C VAL A 227 -24.37 -26.31 -3.73
N ALA A 228 -24.15 -25.05 -4.06
CA ALA A 228 -23.55 -24.10 -3.12
C ALA A 228 -24.65 -23.23 -2.54
N ILE A 229 -24.47 -22.81 -1.29
CA ILE A 229 -25.44 -21.99 -0.56
C ILE A 229 -24.66 -20.89 0.15
N ASN A 230 -25.06 -19.64 0.00
CA ASN A 230 -24.28 -18.52 0.55
C ASN A 230 -24.50 -18.34 2.05
N SER A 231 -23.53 -17.70 2.70
CA SER A 231 -23.60 -17.47 4.17
C SER A 231 -24.74 -16.52 4.56
N ARG A 232 -25.13 -15.64 3.64
CA ARG A 232 -26.16 -14.65 3.87
C ARG A 232 -27.52 -15.24 4.24
N LEU A 233 -27.79 -16.46 3.77
CA LEU A 233 -29.01 -17.15 4.18
C LEU A 233 -29.08 -17.35 5.70
N ARG A 234 -27.93 -17.66 6.30
CA ARG A 234 -27.89 -18.47 7.50
C ARG A 234 -27.79 -17.67 8.79
N ALA A 235 -28.58 -18.12 9.77
CA ALA A 235 -28.49 -17.69 11.16
C ALA A 235 -28.46 -18.93 12.04
N ASP A 236 -27.72 -18.87 13.14
CA ASP A 236 -27.60 -20.01 14.03
C ASP A 236 -28.68 -20.01 15.13
N ASP A 237 -28.51 -20.92 16.11
CA ASP A 237 -29.46 -21.12 17.21
C ASP A 237 -29.61 -19.86 18.03
N LYS A 238 -28.60 -19.01 17.99
CA LYS A 238 -28.59 -17.76 18.75
C LYS A 238 -28.96 -16.52 17.94
N GLY A 239 -29.25 -16.68 16.65
CA GLY A 239 -29.61 -15.54 15.79
C GLY A 239 -28.42 -14.85 15.16
N LYS A 240 -27.22 -15.41 15.37
CA LYS A 240 -25.99 -14.85 14.83
C LYS A 240 -25.91 -15.18 13.33
N ARG A 241 -25.60 -14.20 12.49
CA ARG A 241 -25.67 -14.36 11.04
C ARG A 241 -24.28 -14.51 10.39
N HIS A 242 -24.27 -15.18 9.23
CA HIS A 242 -23.07 -15.46 8.42
C HIS A 242 -22.11 -16.45 9.08
N PHE A 243 -21.55 -16.03 10.22
CA PHE A 243 -20.65 -16.83 11.03
C PHE A 243 -21.38 -17.16 12.30
N ASP A 244 -21.26 -18.40 12.76
CA ASP A 244 -22.04 -18.83 13.92
C ASP A 244 -21.40 -18.32 15.22
N SER A 245 -22.01 -18.68 16.35
CA SER A 245 -21.57 -18.21 17.67
C SER A 245 -20.22 -18.78 18.10
N ASN A 246 -19.71 -19.79 17.40
CA ASN A 246 -18.33 -20.25 17.58
C ASN A 246 -17.34 -19.63 16.56
N GLY A 247 -17.80 -18.62 15.82
CA GLY A 247 -16.99 -17.98 14.77
C GLY A 247 -16.81 -18.76 13.48
N ARG A 248 -17.60 -19.80 13.25
CA ARG A 248 -17.40 -20.64 12.06
C ARG A 248 -18.38 -20.28 10.95
N LEU A 249 -17.88 -20.25 9.71
CA LEU A 249 -18.67 -19.87 8.57
C LEU A 249 -19.80 -20.88 8.34
N MET A 250 -21.02 -20.36 8.26
CA MET A 250 -22.19 -21.10 7.84
C MET A 250 -22.42 -20.97 6.33
N GLY A 251 -23.08 -21.95 5.74
CA GLY A 251 -23.10 -22.08 4.29
C GLY A 251 -21.71 -22.44 3.77
N ASP A 252 -21.53 -22.27 2.47
CA ASP A 252 -20.36 -22.79 1.78
C ASP A 252 -19.34 -21.73 1.45
N TYR A 253 -19.76 -20.45 1.46
CA TYR A 253 -18.86 -19.31 1.19
C TYR A 253 -19.42 -18.04 1.82
N GLU A 254 -18.51 -17.14 2.22
CA GLU A 254 -18.87 -15.87 2.83
C GLU A 254 -19.33 -14.92 1.73
N SER A 255 -20.37 -14.15 2.02
CA SER A 255 -21.07 -13.41 0.98
C SER A 255 -21.46 -11.98 1.42
N GLY A 256 -20.61 -11.35 2.23
CA GLY A 256 -20.88 -10.00 2.74
C GLY A 256 -20.18 -8.83 2.06
N TYR A 257 -19.20 -9.09 1.20
CA TYR A 257 -18.47 -8.01 0.53
C TYR A 257 -19.24 -7.53 -0.67
N GLU A 258 -20.05 -6.53 -0.43
CA GLU A 258 -20.99 -5.99 -1.38
C GLU A 258 -20.61 -4.54 -1.64
N ARG A 259 -20.09 -4.28 -2.83
CA ARG A 259 -19.64 -2.94 -3.23
C ARG A 259 -18.47 -2.45 -2.37
N ARG A 260 -17.76 -3.41 -1.79
CA ARG A 260 -16.54 -3.19 -1.00
C ARG A 260 -15.76 -4.48 -0.95
N LEU A 261 -14.49 -4.37 -0.65
CA LEU A 261 -13.58 -5.50 -0.61
C LEU A 261 -12.71 -5.47 0.63
N PRO A 262 -12.21 -6.65 1.07
CA PRO A 262 -11.26 -6.68 2.18
C PRO A 262 -9.92 -6.00 1.90
N ASP A 263 -9.29 -5.46 2.95
CA ASP A 263 -8.04 -4.76 2.82
C ASP A 263 -6.92 -5.74 2.59
N PRO A 264 -6.10 -5.54 1.54
CA PRO A 264 -5.04 -6.49 1.19
C PRO A 264 -3.95 -6.75 2.24
N VAL A 265 -3.84 -5.86 3.22
CA VAL A 265 -2.90 -6.03 4.32
C VAL A 265 -3.56 -6.44 5.63
N LYS A 266 -4.70 -5.82 5.98
CA LYS A 266 -5.30 -5.99 7.29
C LYS A 266 -6.32 -7.13 7.38
N ASP A 267 -6.85 -7.57 6.23
CA ASP A 267 -7.94 -8.54 6.22
C ASP A 267 -7.56 -9.87 5.59
N LEU A 268 -6.33 -10.34 5.84
CA LEU A 268 -5.90 -11.64 5.33
C LEU A 268 -6.69 -12.81 5.89
N LYS A 269 -7.48 -12.57 6.93
CA LYS A 269 -8.30 -13.64 7.49
C LYS A 269 -9.27 -14.27 6.46
N VAL A 270 -9.66 -13.51 5.43
CA VAL A 270 -10.61 -14.01 4.44
C VAL A 270 -10.04 -15.17 3.64
N THR A 271 -8.72 -15.32 3.66
CA THR A 271 -8.08 -16.41 2.92
C THR A 271 -8.36 -17.81 3.52
N GLN A 272 -8.95 -17.87 4.72
CA GLN A 272 -9.23 -19.14 5.42
C GLN A 272 -10.54 -19.80 4.94
N TRP A 273 -11.37 -19.04 4.25
CA TRP A 273 -12.62 -19.55 3.74
C TRP A 273 -12.90 -19.12 2.31
N ASP A 274 -13.78 -19.85 1.63
CA ASP A 274 -14.32 -19.41 0.37
C ASP A 274 -15.19 -18.18 0.57
N TRP A 275 -15.16 -17.26 -0.40
CA TRP A 275 -16.00 -16.08 -0.36
C TRP A 275 -16.19 -15.52 -1.75
N GLU A 276 -17.22 -14.70 -1.88
CA GLU A 276 -17.65 -14.13 -3.15
C GLU A 276 -18.10 -12.68 -2.90
N ALA A 277 -17.46 -11.76 -3.57
CA ALA A 277 -17.86 -10.37 -3.59
C ALA A 277 -18.81 -10.09 -4.76
N CYS A 278 -19.64 -9.05 -4.62
CA CYS A 278 -20.41 -8.49 -5.73
C CYS A 278 -20.25 -6.98 -5.78
N MET A 279 -20.50 -6.41 -6.96
CA MET A 279 -20.29 -4.98 -7.20
C MET A 279 -21.21 -4.44 -8.29
N THR A 280 -21.39 -3.13 -8.27
CA THR A 280 -22.19 -2.42 -9.24
C THR A 280 -21.26 -1.57 -10.07
N ILE A 281 -21.67 -1.21 -11.28
CA ILE A 281 -20.87 -0.32 -12.12
C ILE A 281 -21.04 1.13 -11.65
N PRO A 282 -22.28 1.60 -11.47
CA PRO A 282 -22.42 2.88 -10.76
C PRO A 282 -22.23 2.70 -9.27
N GLU A 283 -22.29 3.78 -8.51
CA GLU A 283 -22.05 3.67 -7.06
C GLU A 283 -22.98 2.68 -6.33
N ASN A 284 -24.27 2.75 -6.60
CA ASN A 284 -25.25 1.85 -6.01
C ASN A 284 -26.52 1.75 -6.85
N GLN A 285 -26.46 0.97 -7.93
CA GLN A 285 -27.63 0.64 -8.75
C GLN A 285 -27.46 -0.79 -9.18
N TRP A 286 -28.41 -1.65 -8.86
CA TRP A 286 -28.36 -3.03 -9.30
C TRP A 286 -29.33 -3.22 -10.47
N GLY A 287 -30.60 -2.88 -10.27
CA GLY A 287 -31.57 -2.86 -11.37
C GLY A 287 -31.33 -1.69 -12.30
N TYR A 288 -31.94 -1.75 -13.49
CA TYR A 288 -31.80 -0.68 -14.48
C TYR A 288 -32.29 0.67 -13.93
N HIS A 289 -31.40 1.66 -13.97
CA HIS A 289 -31.73 3.05 -13.70
C HIS A 289 -31.48 3.85 -14.97
N LYS A 290 -32.41 4.74 -15.30
CA LYS A 290 -32.38 5.48 -16.56
C LYS A 290 -31.33 6.61 -16.58
N ASP A 291 -30.88 7.06 -15.43
CA ASP A 291 -29.90 8.16 -15.39
C ASP A 291 -28.64 7.78 -14.64
N TRP A 292 -27.62 7.36 -15.36
CA TRP A 292 -26.33 7.00 -14.76
C TRP A 292 -25.41 8.20 -14.52
N SER A 293 -25.93 9.41 -14.75
CA SER A 293 -25.14 10.63 -14.54
C SER A 293 -25.27 11.10 -13.10
N LEU A 294 -26.14 10.44 -12.32
CA LEU A 294 -26.38 10.82 -10.94
C LEU A 294 -25.30 10.33 -9.97
N SER A 295 -24.45 9.39 -10.38
CA SER A 295 -23.36 8.97 -9.53
C SER A 295 -22.19 8.60 -10.40
N TYR A 296 -21.08 8.29 -9.74
CA TYR A 296 -19.87 7.85 -10.43
C TYR A 296 -20.08 6.48 -11.06
N VAL A 297 -19.64 6.37 -12.31
CA VAL A 297 -19.67 5.15 -13.06
C VAL A 297 -18.26 4.63 -13.31
N LYS A 298 -17.97 3.41 -12.84
CA LYS A 298 -16.65 2.82 -12.99
C LYS A 298 -16.27 2.49 -14.44
N THR A 299 -14.99 2.73 -14.75
CA THR A 299 -14.37 2.31 -16.00
C THR A 299 -14.01 0.85 -15.95
N PRO A 300 -13.73 0.23 -17.12
CA PRO A 300 -13.35 -1.16 -17.17
C PRO A 300 -12.10 -1.54 -16.34
N ILE A 301 -11.07 -0.71 -16.34
CA ILE A 301 -9.91 -1.02 -15.56
C ILE A 301 -10.23 -0.96 -14.04
N GLU A 302 -11.06 -0.01 -13.65
CA GLU A 302 -11.48 0.09 -12.24
C GLU A 302 -12.23 -1.17 -11.84
N VAL A 303 -13.00 -1.73 -12.78
CA VAL A 303 -13.67 -3.01 -12.52
C VAL A 303 -12.72 -4.20 -12.49
N ILE A 304 -11.82 -4.30 -13.47
CA ILE A 304 -10.83 -5.35 -13.48
C ILE A 304 -9.95 -5.33 -12.22
N ASP A 305 -9.57 -4.15 -11.76
CA ASP A 305 -8.79 -4.01 -10.52
C ASP A 305 -9.52 -4.72 -9.36
N ARG A 306 -10.81 -4.45 -9.22
CA ARG A 306 -11.62 -5.10 -8.18
C ARG A 306 -11.72 -6.62 -8.37
N ILE A 307 -11.85 -7.09 -9.63
CA ILE A 307 -11.88 -8.54 -9.86
C ILE A 307 -10.56 -9.17 -9.38
N VAL A 308 -9.43 -8.57 -9.78
CA VAL A 308 -8.13 -9.13 -9.45
C VAL A 308 -7.87 -9.08 -7.92
N HIS A 309 -8.34 -8.01 -7.30
CA HIS A 309 -8.18 -7.83 -5.84
C HIS A 309 -8.85 -8.98 -5.12
N ALA A 310 -10.08 -9.27 -5.55
CA ALA A 310 -10.83 -10.39 -5.00
C ALA A 310 -10.11 -11.74 -5.10
N VAL A 311 -9.67 -12.12 -6.30
CA VAL A 311 -8.95 -13.37 -6.49
C VAL A 311 -7.61 -13.41 -5.71
N SER A 312 -6.96 -12.27 -5.63
CA SER A 312 -5.71 -12.15 -4.90
C SER A 312 -5.88 -12.44 -3.41
N MET A 313 -7.12 -12.29 -2.91
CA MET A 313 -7.42 -12.63 -1.53
C MET A 313 -8.34 -13.82 -1.39
N GLY A 314 -8.30 -14.69 -2.40
CA GLY A 314 -8.99 -15.96 -2.36
C GLY A 314 -10.47 -15.89 -2.61
N GLY A 315 -10.93 -14.85 -3.31
CA GLY A 315 -12.37 -14.64 -3.46
C GLY A 315 -12.83 -14.60 -4.91
N ASN A 316 -14.14 -14.84 -5.13
CA ASN A 316 -14.78 -14.59 -6.44
C ASN A 316 -15.28 -13.16 -6.52
N MET A 317 -15.46 -12.66 -7.74
CA MET A 317 -16.12 -11.40 -7.94
C MET A 317 -17.24 -11.53 -8.96
N VAL A 318 -18.37 -10.94 -8.65
CA VAL A 318 -19.50 -10.87 -9.55
C VAL A 318 -19.82 -9.45 -9.87
N VAL A 319 -19.79 -9.15 -11.17
CA VAL A 319 -20.07 -7.81 -11.67
C VAL A 319 -21.53 -7.73 -12.15
N ASN A 320 -22.26 -6.74 -11.63
CA ASN A 320 -23.67 -6.56 -11.95
C ASN A 320 -24.04 -5.83 -13.26
N PHE A 321 -25.10 -6.38 -13.87
CA PHE A 321 -25.78 -5.83 -14.99
C PHE A 321 -27.25 -5.69 -14.67
N GLY A 322 -27.83 -4.59 -15.08
CA GLY A 322 -29.26 -4.34 -14.93
C GLY A 322 -29.87 -4.09 -16.31
N PRO A 323 -30.32 -5.17 -16.96
CA PRO A 323 -30.88 -5.04 -18.30
C PRO A 323 -32.08 -4.14 -18.39
N GLN A 324 -32.22 -3.55 -19.58
CA GLN A 324 -33.31 -2.65 -19.89
C GLN A 324 -34.60 -3.43 -19.90
N ALA A 325 -35.70 -2.70 -19.74
CA ALA A 325 -37.05 -3.28 -19.81
C ALA A 325 -37.30 -4.04 -21.12
N ASP A 326 -36.59 -3.67 -22.18
CA ASP A 326 -36.81 -4.28 -23.49
C ASP A 326 -36.05 -5.59 -23.75
N GLY A 327 -35.23 -6.04 -22.80
CA GLY A 327 -34.47 -7.27 -22.98
C GLY A 327 -33.08 -7.09 -23.57
N ASP A 328 -32.68 -5.84 -23.83
CA ASP A 328 -31.33 -5.53 -24.32
C ASP A 328 -30.53 -4.87 -23.20
N PHE A 329 -29.21 -4.75 -23.42
CA PHE A 329 -28.30 -4.09 -22.47
C PHE A 329 -27.92 -2.71 -22.93
N ARG A 330 -27.84 -1.77 -21.98
CA ARG A 330 -27.46 -0.40 -22.27
C ARG A 330 -26.05 -0.30 -22.83
N PRO A 331 -25.77 0.77 -23.59
CA PRO A 331 -24.45 0.89 -24.22
C PRO A 331 -23.25 0.78 -23.25
N GLU A 332 -23.36 1.37 -22.06
CA GLU A 332 -22.27 1.34 -21.08
C GLU A 332 -21.93 -0.07 -20.63
N GLU A 333 -22.95 -0.93 -20.49
CA GLU A 333 -22.74 -2.32 -20.10
C GLU A 333 -22.18 -3.17 -21.21
N LYS A 334 -22.65 -2.95 -22.44
CA LYS A 334 -22.04 -3.61 -23.58
C LYS A 334 -20.56 -3.26 -23.67
N ALA A 335 -20.20 -2.00 -23.53
CA ALA A 335 -18.77 -1.59 -23.58
C ALA A 335 -17.96 -2.26 -22.47
N MET A 336 -18.55 -2.32 -21.28
CA MET A 336 -17.88 -2.93 -20.12
C MET A 336 -17.60 -4.39 -20.34
N ALA A 337 -18.63 -5.12 -20.77
CA ALA A 337 -18.49 -6.55 -20.96
C ALA A 337 -17.41 -6.85 -22.00
N THR A 338 -17.42 -6.06 -23.07
CA THR A 338 -16.46 -6.21 -24.17
C THR A 338 -15.06 -5.92 -23.69
N ALA A 339 -14.88 -4.86 -22.93
CA ALA A 339 -13.53 -4.47 -22.44
C ALA A 339 -13.00 -5.52 -21.46
N ILE A 340 -13.85 -6.00 -20.55
CA ILE A 340 -13.44 -7.04 -19.64
C ILE A 340 -13.06 -8.32 -20.36
N GLY A 341 -13.85 -8.73 -21.35
CA GLY A 341 -13.48 -9.95 -22.06
C GLY A 341 -12.15 -9.86 -22.79
N LYS A 342 -11.91 -8.71 -23.39
CA LYS A 342 -10.66 -8.44 -24.14
C LYS A 342 -9.44 -8.62 -23.21
N TRP A 343 -9.50 -7.96 -22.06
CA TRP A 343 -8.47 -8.14 -21.04
C TRP A 343 -8.38 -9.58 -20.52
N MET A 344 -9.52 -10.20 -20.19
CA MET A 344 -9.49 -11.58 -19.68
C MET A 344 -8.93 -12.55 -20.71
N ASN A 345 -9.21 -12.27 -21.97
CA ASN A 345 -8.67 -13.07 -23.08
C ASN A 345 -7.14 -13.09 -23.03
N ARG A 346 -6.54 -11.92 -22.77
CA ARG A 346 -5.08 -11.76 -22.72
C ARG A 346 -4.53 -12.33 -21.41
N TYR A 347 -5.16 -11.98 -20.27
CA TYR A 347 -4.57 -12.20 -18.93
C TYR A 347 -5.27 -13.15 -17.95
N GLY A 348 -6.29 -13.85 -18.43
CA GLY A 348 -7.08 -14.73 -17.62
C GLY A 348 -6.42 -15.87 -16.90
N LYS A 349 -5.27 -16.32 -17.38
CA LYS A 349 -4.47 -17.33 -16.66
C LYS A 349 -4.19 -16.95 -15.20
N ALA A 350 -4.12 -15.65 -14.94
CA ALA A 350 -3.84 -15.11 -13.58
C ALA A 350 -5.10 -14.83 -12.77
N VAL A 351 -6.27 -15.18 -13.31
CA VAL A 351 -7.54 -14.99 -12.61
C VAL A 351 -8.23 -16.33 -12.41
N TYR A 352 -8.56 -17.01 -13.51
CA TYR A 352 -9.24 -18.31 -13.40
C TYR A 352 -8.39 -19.35 -12.71
N ALA A 353 -9.02 -20.09 -11.82
CA ALA A 353 -8.40 -21.13 -11.03
C ALA A 353 -7.22 -20.63 -10.20
N CYS A 354 -7.19 -19.33 -9.90
CA CYS A 354 -6.11 -18.74 -9.07
C CYS A 354 -6.60 -18.38 -7.68
N ASP A 355 -5.66 -18.04 -6.81
CA ASP A 355 -5.91 -17.95 -5.39
C ASP A 355 -4.87 -17.02 -4.75
N TYR A 356 -4.98 -16.89 -3.44
CA TYR A 356 -4.06 -16.10 -2.63
C TYR A 356 -2.66 -16.69 -2.68
N ALA A 357 -1.66 -15.83 -2.87
CA ALA A 357 -0.28 -16.22 -3.08
C ALA A 357 0.61 -16.24 -1.82
N GLY A 358 0.14 -15.73 -0.69
CA GLY A 358 0.96 -15.67 0.54
C GLY A 358 2.09 -14.64 0.53
N PHE A 359 2.09 -13.70 -0.40
CA PHE A 359 3.16 -12.69 -0.50
C PHE A 359 2.65 -11.36 0.07
N GLU A 360 3.54 -10.57 0.68
CA GLU A 360 3.15 -9.22 1.12
C GLU A 360 2.73 -8.31 -0.02
N LYS A 361 1.64 -7.58 0.19
CA LYS A 361 1.13 -6.65 -0.79
C LYS A 361 2.16 -5.57 -1.15
N GLN A 362 2.26 -5.25 -2.44
CA GLN A 362 3.13 -4.17 -2.94
C GLN A 362 2.28 -3.16 -3.69
N ASP A 363 2.81 -1.95 -3.88
CA ASP A 363 2.10 -0.85 -4.50
C ASP A 363 1.71 -1.01 -5.97
N TRP A 364 2.43 -1.84 -6.69
CA TRP A 364 2.24 -1.90 -8.17
C TRP A 364 0.99 -2.71 -8.53
N GLY A 365 0.43 -3.45 -7.56
CA GLY A 365 -0.74 -4.31 -7.82
C GLY A 365 -0.88 -5.54 -6.97
N TYR A 366 -1.22 -6.67 -7.60
CA TYR A 366 -1.66 -7.84 -6.87
C TYR A 366 -0.87 -9.09 -7.26
N TYR A 367 -0.65 -9.98 -6.32
CA TYR A 367 -0.23 -11.36 -6.63
C TYR A 367 -1.44 -12.25 -6.76
N THR A 368 -1.41 -13.18 -7.71
CA THR A 368 -2.27 -14.36 -7.62
C THR A 368 -1.40 -15.61 -7.80
N ARG A 369 -1.92 -16.75 -7.33
CA ARG A 369 -1.23 -18.04 -7.41
C ARG A 369 -2.02 -19.08 -8.19
N GLY A 370 -1.38 -19.63 -9.23
CA GLY A 370 -1.97 -20.68 -10.09
C GLY A 370 -2.01 -22.04 -9.44
N LYS A 371 -2.57 -23.03 -10.14
CA LYS A 371 -2.70 -24.37 -9.55
C LYS A 371 -1.38 -25.12 -9.43
N ASN A 372 -0.41 -24.79 -10.28
CA ASN A 372 0.91 -25.42 -10.24
C ASN A 372 1.98 -24.48 -9.70
N ASP A 373 1.61 -23.83 -8.59
CA ASP A 373 2.47 -22.88 -7.86
C ASP A 373 3.12 -21.75 -8.68
N GLU A 374 2.54 -21.40 -9.83
CA GLU A 374 2.88 -20.17 -10.51
C GLU A 374 2.49 -18.99 -9.62
N VAL A 375 3.25 -17.91 -9.72
CA VAL A 375 2.92 -16.66 -9.03
C VAL A 375 2.87 -15.57 -10.06
N TYR A 376 1.69 -14.95 -10.20
CA TYR A 376 1.49 -13.96 -11.20
C TYR A 376 1.51 -12.60 -10.51
N MET A 377 2.28 -11.68 -11.07
CA MET A 377 2.21 -10.27 -10.72
C MET A 377 1.27 -9.61 -11.69
N VAL A 378 0.17 -9.09 -11.17
CA VAL A 378 -0.78 -8.33 -11.96
C VAL A 378 -0.58 -6.88 -11.64
N VAL A 379 -0.02 -6.17 -12.63
CA VAL A 379 0.41 -4.78 -12.51
C VAL A 379 -0.60 -3.71 -12.97
N PHE A 380 -1.05 -2.91 -12.00
CA PHE A 380 -1.96 -1.81 -12.26
C PHE A 380 -1.33 -0.43 -12.19
N ASN A 381 -0.20 -0.35 -11.50
CA ASN A 381 0.46 0.91 -11.27
C ASN A 381 1.91 0.72 -11.66
N GLN A 382 2.25 1.27 -12.81
CA GLN A 382 3.55 1.09 -13.42
C GLN A 382 4.62 1.97 -12.73
N PRO A 383 5.66 1.37 -12.15
CA PRO A 383 6.67 2.23 -11.47
C PRO A 383 7.61 2.91 -12.47
N TYR A 384 7.78 4.21 -12.33
CA TYR A 384 8.79 4.96 -13.09
C TYR A 384 10.21 4.47 -12.83
N SER A 385 10.44 3.86 -11.67
CA SER A 385 11.71 3.19 -11.41
C SER A 385 12.02 2.04 -12.37
N GLU A 386 11.03 1.58 -13.13
CA GLU A 386 11.18 0.40 -14.03
C GLU A 386 11.46 -0.85 -13.25
N ARG A 387 11.17 -0.80 -11.95
CA ARG A 387 11.37 -1.94 -11.07
C ARG A 387 10.16 -2.24 -10.20
N LEU A 388 9.79 -3.51 -10.18
CA LEU A 388 8.71 -4.07 -9.34
C LEU A 388 9.27 -4.81 -8.15
N ILE A 389 9.04 -4.26 -6.97
CA ILE A 389 9.53 -4.84 -5.76
C ILE A 389 8.76 -6.09 -5.42
N VAL A 390 9.50 -7.16 -5.19
CA VAL A 390 8.94 -8.40 -4.72
C VAL A 390 9.63 -8.81 -3.47
N LYS A 391 8.91 -8.73 -2.36
CA LYS A 391 9.41 -9.22 -1.10
C LYS A 391 8.85 -10.63 -0.94
N THR A 392 9.74 -11.61 -0.83
CA THR A 392 9.34 -13.01 -0.72
C THR A 392 9.19 -13.43 0.73
N PRO A 393 8.30 -14.43 0.98
CA PRO A 393 8.21 -14.99 2.32
C PRO A 393 9.48 -15.75 2.68
N LYS A 394 9.70 -15.93 3.97
CA LYS A 394 10.83 -16.71 4.49
C LYS A 394 11.00 -18.03 3.73
N GLY A 395 12.09 -18.13 2.96
CA GLY A 395 12.48 -19.38 2.32
C GLY A 395 11.99 -19.58 0.90
N ILE A 396 11.63 -18.48 0.23
CA ILE A 396 11.18 -18.52 -1.17
C ILE A 396 12.10 -17.67 -2.03
N THR A 397 12.39 -18.15 -3.25
CA THR A 397 13.20 -17.41 -4.20
C THR A 397 12.46 -17.22 -5.53
N VAL A 398 12.84 -16.21 -6.30
CA VAL A 398 12.29 -15.95 -7.63
C VAL A 398 13.31 -16.41 -8.70
N GLU A 399 12.90 -17.31 -9.59
CA GLU A 399 13.81 -17.93 -10.56
C GLU A 399 13.69 -17.41 -11.98
N LYS A 400 12.49 -17.05 -12.41
CA LYS A 400 12.34 -16.42 -13.73
C LYS A 400 11.14 -15.50 -13.70
N ALA A 401 11.10 -14.56 -14.64
CA ALA A 401 9.94 -13.72 -14.89
C ALA A 401 9.75 -13.54 -16.41
N THR A 402 8.48 -13.40 -16.83
CA THR A 402 8.05 -13.53 -18.24
C THR A 402 6.85 -12.65 -18.59
N LEU A 403 6.93 -11.84 -19.66
CA LEU A 403 5.74 -11.09 -20.07
C LEU A 403 4.75 -12.12 -20.59
N LEU A 404 3.66 -12.31 -19.84
CA LEU A 404 2.62 -13.30 -20.20
C LEU A 404 2.14 -13.19 -21.67
N THR A 405 1.84 -12.00 -22.19
CA THR A 405 1.27 -11.93 -23.53
C THR A 405 2.28 -12.13 -24.64
N THR A 406 3.57 -11.93 -24.37
CA THR A 406 4.58 -12.03 -25.42
C THR A 406 5.67 -13.09 -25.18
N GLY A 407 5.65 -13.73 -24.01
CA GLY A 407 6.72 -14.67 -23.63
C GLY A 407 8.09 -14.04 -23.32
N GLU A 408 8.25 -12.73 -23.56
CA GLU A 408 9.57 -12.05 -23.48
C GLU A 408 10.17 -12.08 -22.08
N ASP A 409 11.50 -12.20 -21.99
CA ASP A 409 12.20 -12.45 -20.70
C ASP A 409 12.35 -11.18 -19.87
N ILE A 410 12.32 -11.36 -18.53
CA ILE A 410 12.28 -10.24 -17.57
C ILE A 410 13.39 -10.39 -16.52
N THR A 411 14.21 -9.34 -16.37
CA THR A 411 15.34 -9.39 -15.42
C THR A 411 14.84 -9.44 -13.98
N VAL A 412 15.38 -10.36 -13.19
CA VAL A 412 15.17 -10.41 -11.74
C VAL A 412 16.49 -10.19 -10.99
N VAL A 413 16.54 -9.09 -10.22
CA VAL A 413 17.73 -8.68 -9.46
C VAL A 413 17.42 -8.73 -7.97
N GLU A 414 18.28 -9.42 -7.23
CA GLU A 414 18.20 -9.47 -5.79
C GLU A 414 18.66 -8.11 -5.23
N THR A 415 17.95 -7.58 -4.23
CA THR A 415 18.31 -6.26 -3.68
C THR A 415 18.73 -6.36 -2.24
N THR A 416 18.06 -7.22 -1.49
CA THR A 416 18.47 -7.53 -0.15
C THR A 416 17.97 -8.93 0.17
N ARG A 417 18.07 -9.32 1.44
CA ARG A 417 17.56 -10.61 1.89
C ARG A 417 16.03 -10.63 1.75
N ASN A 418 15.52 -11.63 1.05
CA ASN A 418 14.08 -11.76 0.83
C ASN A 418 13.42 -10.62 0.02
N GLU A 419 14.20 -9.91 -0.79
CA GLU A 419 13.65 -8.86 -1.65
C GLU A 419 14.29 -8.85 -3.02
N TYR A 420 13.46 -8.65 -4.04
CA TYR A 420 13.93 -8.52 -5.43
C TYR A 420 13.34 -7.32 -6.13
N ASN A 421 14.06 -6.92 -7.16
CA ASN A 421 13.55 -6.05 -8.17
C ASN A 421 13.24 -6.88 -9.42
N VAL A 422 12.02 -6.74 -9.95
CA VAL A 422 11.60 -7.31 -11.24
C VAL A 422 11.45 -6.18 -12.18
N SER A 423 12.15 -6.23 -13.32
CA SER A 423 12.10 -5.13 -14.27
C SER A 423 10.71 -4.96 -14.89
N VAL A 424 10.33 -3.76 -15.29
CA VAL A 424 9.17 -3.65 -16.17
C VAL A 424 9.64 -4.25 -17.53
N PRO A 425 8.72 -4.38 -18.50
CA PRO A 425 9.17 -4.81 -19.86
C PRO A 425 9.66 -3.65 -20.76
N LYS A 426 10.28 -3.92 -21.92
CA LYS A 426 10.98 -2.85 -22.61
C LYS A 426 9.96 -1.89 -23.22
N LYS A 427 8.88 -2.48 -23.75
CA LYS A 427 7.70 -1.73 -24.17
CA LYS A 427 7.71 -1.73 -24.16
C LYS A 427 6.77 -1.82 -22.98
N ASN A 428 6.30 -0.67 -22.53
CA ASN A 428 5.24 -0.57 -21.57
C ASN A 428 4.05 -1.34 -22.19
N PRO A 429 3.58 -2.46 -21.58
CA PRO A 429 2.39 -3.16 -22.11
C PRO A 429 1.20 -2.28 -22.35
N GLY A 430 1.17 -1.12 -21.71
CA GLY A 430 0.19 -0.09 -22.02
C GLY A 430 -1.17 -0.28 -21.36
N GLU A 431 -1.29 -1.32 -20.54
CA GLU A 431 -2.53 -1.60 -19.77
C GLU A 431 -2.12 -2.53 -18.67
N PRO A 432 -3.05 -2.79 -17.70
CA PRO A 432 -2.67 -3.75 -16.68
C PRO A 432 -2.22 -5.04 -17.27
N TYR A 433 -1.10 -5.52 -16.79
CA TYR A 433 -0.47 -6.65 -17.38
C TYR A 433 0.01 -7.63 -16.37
N VAL A 434 0.48 -8.76 -16.89
CA VAL A 434 0.85 -9.86 -16.10
C VAL A 434 2.30 -10.31 -16.38
N ILE A 435 3.04 -10.50 -15.29
CA ILE A 435 4.37 -11.10 -15.30
C ILE A 435 4.28 -12.33 -14.44
N GLN A 436 4.80 -13.43 -14.94
CA GLN A 436 4.68 -14.71 -14.28
C GLN A 436 6.02 -15.15 -13.66
N LEU A 437 5.97 -15.54 -12.38
CA LEU A 437 7.16 -15.97 -11.63
C LEU A 437 7.18 -17.48 -11.34
N LYS A 438 8.38 -18.06 -11.37
CA LYS A 438 8.62 -19.38 -10.81
C LYS A 438 9.34 -19.24 -9.48
N VAL A 439 8.85 -19.88 -8.44
CA VAL A 439 9.44 -19.78 -7.16
C VAL A 439 9.78 -21.14 -6.61
N ARG A 440 10.53 -21.14 -5.52
CA ARG A 440 11.15 -22.31 -5.01
C ARG A 440 11.20 -22.17 -3.54
N ALA A 441 10.78 -23.19 -2.84
CA ALA A 441 10.88 -23.17 -1.43
C ALA A 441 11.98 -24.12 -1.16
N ALA A 442 12.29 -24.34 0.10
CA ALA A 442 13.54 -24.97 0.50
C ALA A 442 13.42 -26.39 1.08
N GLU B 5 5.83 8.38 36.24
CA GLU B 5 6.90 9.13 35.51
C GLU B 5 8.21 9.08 36.29
N ILE B 6 9.20 8.38 35.72
CA ILE B 6 10.47 8.08 36.38
C ILE B 6 11.36 9.33 36.50
N PRO B 7 12.04 9.50 37.67
CA PRO B 7 12.90 10.68 37.83
C PRO B 7 14.24 10.56 37.06
N LEU B 8 14.68 11.65 36.42
CA LEU B 8 15.90 11.65 35.59
C LEU B 8 16.61 13.01 35.59
N LYS B 9 17.93 13.01 35.72
CA LYS B 9 18.72 14.23 35.55
C LYS B 9 19.20 14.43 34.11
N TYR B 10 19.29 13.35 33.35
CA TYR B 10 19.94 13.42 32.03
C TYR B 10 19.01 12.94 30.90
N GLY B 11 17.69 13.09 31.10
CA GLY B 11 16.68 12.64 30.14
C GLY B 11 16.36 13.77 29.18
N ALA B 12 15.18 13.73 28.59
CA ALA B 12 14.83 14.67 27.50
C ALA B 12 14.76 16.11 27.95
N THR B 13 15.08 16.99 27.00
CA THR B 13 15.11 18.40 27.29
C THR B 13 14.02 19.19 26.53
N ASN B 14 13.70 18.78 25.31
CA ASN B 14 12.66 19.49 24.54
C ASN B 14 11.26 19.00 24.95
N GLU B 15 10.34 19.95 25.05
CA GLU B 15 8.89 19.64 25.14
C GLU B 15 8.34 19.71 23.71
N GLY B 16 8.18 18.57 23.05
CA GLY B 16 7.74 18.56 21.64
C GLY B 16 8.83 19.10 20.71
N LYS B 17 8.46 19.47 19.49
CA LYS B 17 9.45 19.92 18.51
C LYS B 17 9.95 21.33 18.81
N ARG B 18 11.23 21.57 18.59
CA ARG B 18 11.75 22.95 18.59
C ARG B 18 11.18 23.73 17.41
N GLN B 19 10.81 24.98 17.66
CA GLN B 19 10.27 25.88 16.65
C GLN B 19 11.04 27.18 16.54
N ASP B 20 12.21 27.26 17.18
CA ASP B 20 13.12 28.37 17.00
C ASP B 20 13.61 28.37 15.56
N PRO B 21 13.98 29.54 15.04
CA PRO B 21 14.32 29.67 13.63
C PRO B 21 15.39 28.70 13.13
N ALA B 22 16.37 28.40 13.98
CA ALA B 22 17.45 27.48 13.57
C ALA B 22 16.94 26.04 13.36
N MET B 23 16.02 25.61 14.21
CA MET B 23 15.44 24.28 14.04
C MET B 23 14.55 24.24 12.81
N GLN B 24 13.72 25.26 12.65
CA GLN B 24 12.90 25.37 11.46
C GLN B 24 13.71 25.32 10.15
N LYS B 25 14.88 25.96 10.13
CA LYS B 25 15.85 25.85 9.02
C LYS B 25 16.34 24.42 8.81
N PHE B 26 16.78 23.76 9.88
CA PHE B 26 17.21 22.36 9.82
C PHE B 26 16.14 21.47 9.17
N ARG B 27 14.91 21.66 9.60
CA ARG B 27 13.78 20.90 9.10
C ARG B 27 13.43 21.27 7.67
N ASP B 28 13.25 22.56 7.38
CA ASP B 28 12.86 23.00 6.02
C ASP B 28 13.86 22.62 4.93
N ASN B 29 15.14 22.47 5.31
CA ASN B 29 16.20 22.09 4.41
C ASN B 29 15.82 20.77 3.71
N ARG B 30 15.39 19.82 4.53
CA ARG B 30 14.88 18.50 4.17
C ARG B 30 15.85 17.57 3.46
N LEU B 31 16.59 18.04 2.47
CA LEU B 31 17.45 17.12 1.73
C LEU B 31 18.92 17.42 2.00
N GLY B 32 19.65 16.41 2.44
CA GLY B 32 21.07 16.52 2.70
C GLY B 32 21.90 15.47 2.00
N ALA B 33 23.20 15.73 1.97
CA ALA B 33 24.19 14.81 1.49
C ALA B 33 25.06 14.42 2.68
N PHE B 34 25.48 13.18 2.71
CA PHE B 34 26.39 12.67 3.72
C PHE B 34 27.72 12.46 2.99
N ILE B 35 28.82 12.85 3.62
CA ILE B 35 30.17 12.58 3.10
C ILE B 35 30.88 11.70 4.12
N HIS B 36 31.20 10.47 3.73
CA HIS B 36 32.12 9.64 4.49
C HIS B 36 33.47 9.63 3.78
N TRP B 37 34.42 10.36 4.37
CA TRP B 37 35.77 10.46 3.80
C TRP B 37 36.80 10.33 4.90
N GLY B 38 37.70 9.37 4.73
CA GLY B 38 38.68 9.00 5.75
C GLY B 38 39.75 8.15 5.13
N LEU B 39 40.61 7.58 5.96
CA LEU B 39 41.74 6.74 5.51
C LEU B 39 41.31 5.47 4.78
N TYR B 40 40.11 4.98 5.10
CA TYR B 40 39.47 3.83 4.46
C TYR B 40 39.30 4.02 2.95
N ALA B 41 39.24 5.26 2.48
CA ALA B 41 39.12 5.46 1.03
C ALA B 41 40.35 4.88 0.29
N ILE B 42 41.49 4.77 0.99
CA ILE B 42 42.74 4.39 0.34
C ILE B 42 42.73 2.91 -0.04
N PRO B 43 42.55 2.01 0.93
CA PRO B 43 42.39 0.62 0.61
C PRO B 43 41.06 0.28 -0.07
N GLY B 44 40.00 1.02 0.25
CA GLY B 44 38.70 0.89 -0.42
C GLY B 44 38.18 -0.52 -0.42
N GLY B 45 38.26 -1.16 0.75
CA GLY B 45 37.73 -2.51 0.94
C GLY B 45 38.66 -3.66 0.70
N GLU B 46 39.90 -3.36 0.32
CA GLU B 46 40.89 -4.40 0.05
C GLU B 46 42.06 -4.27 1.00
N TRP B 47 42.41 -5.38 1.64
CA TRP B 47 43.60 -5.45 2.48
C TRP B 47 44.45 -6.68 2.21
N ASN B 48 45.73 -6.44 1.92
CA ASN B 48 46.70 -7.50 1.73
C ASN B 48 46.19 -8.56 0.78
N GLY B 49 45.72 -8.04 -0.34
CA GLY B 49 45.29 -8.81 -1.50
C GLY B 49 43.89 -9.40 -1.45
N LYS B 50 43.15 -9.10 -0.38
CA LYS B 50 41.82 -9.71 -0.16
C LYS B 50 40.78 -8.60 -0.13
N VAL B 51 39.73 -8.74 -0.94
CA VAL B 51 38.66 -7.74 -1.01
C VAL B 51 37.59 -8.23 -0.04
N TYR B 52 37.18 -7.35 0.85
CA TYR B 52 36.22 -7.73 1.88
C TYR B 52 34.87 -7.16 1.50
N GLY B 53 33.82 -7.97 1.62
CA GLY B 53 32.49 -7.56 1.20
C GLY B 53 31.81 -6.58 2.17
N GLY B 54 32.22 -6.60 3.43
CA GLY B 54 31.64 -5.66 4.43
C GLY B 54 31.93 -4.20 4.09
N ALA B 55 31.23 -3.29 4.79
CA ALA B 55 31.38 -1.84 4.60
C ALA B 55 32.86 -1.37 4.65
N ALA B 56 33.24 -0.58 3.67
CA ALA B 56 34.67 -0.23 3.46
C ALA B 56 35.25 0.51 4.67
N GLU B 57 34.41 1.28 5.34
CA GLU B 57 34.90 2.12 6.44
C GLU B 57 35.18 1.30 7.71
N TRP B 58 34.80 0.00 7.68
CA TRP B 58 35.07 -0.94 8.73
C TRP B 58 36.17 -1.92 8.38
N LEU B 59 36.94 -1.64 7.34
CA LEU B 59 38.00 -2.58 6.89
C LEU B 59 39.02 -2.92 7.98
N LYS B 60 39.34 -1.96 8.86
CA LYS B 60 40.26 -2.23 9.96
C LYS B 60 39.74 -3.37 10.77
N SER B 61 38.42 -3.42 10.94
CA SER B 61 37.81 -4.48 11.70
C SER B 61 37.80 -5.79 10.91
N TRP B 62 37.37 -5.75 9.65
CA TRP B 62 37.21 -6.99 8.86
C TRP B 62 38.54 -7.67 8.66
N ALA B 63 39.56 -6.88 8.36
CA ALA B 63 40.91 -7.41 8.08
C ALA B 63 41.79 -7.49 9.32
N LYS B 64 41.20 -7.30 10.51
CA LYS B 64 41.95 -7.33 11.78
C LYS B 64 43.28 -6.54 11.74
N VAL B 65 43.21 -5.29 11.32
CA VAL B 65 44.40 -4.45 11.16
C VAL B 65 44.66 -3.70 12.48
N PRO B 66 45.88 -3.84 13.07
CA PRO B 66 46.19 -3.05 14.28
C PRO B 66 46.20 -1.55 14.01
N ALA B 67 45.94 -0.76 15.05
CA ALA B 67 45.89 0.69 14.95
C ALA B 67 47.11 1.31 14.25
N ASP B 68 48.32 0.93 14.64
CA ASP B 68 49.47 1.62 14.08
C ASP B 68 49.57 1.32 12.59
N GLU B 69 49.35 0.06 12.20
CA GLU B 69 49.33 -0.33 10.79
C GLU B 69 48.26 0.44 10.04
N TRP B 70 47.02 0.43 10.54
CA TRP B 70 45.94 1.16 9.88
C TRP B 70 46.27 2.62 9.70
N LEU B 71 46.66 3.29 10.81
CA LEU B 71 46.91 4.72 10.75
C LEU B 71 48.14 5.09 9.93
N LYS B 72 49.01 4.11 9.66
CA LYS B 72 50.10 4.33 8.68
C LYS B 72 49.59 4.77 7.26
N LEU B 73 48.32 4.51 6.97
CA LEU B 73 47.69 5.01 5.75
C LEU B 73 47.78 6.51 5.60
N MET B 74 47.95 7.21 6.71
CA MET B 74 48.18 8.65 6.62
C MET B 74 49.35 9.00 5.68
N ASP B 75 50.40 8.18 5.67
CA ASP B 75 51.56 8.44 4.79
C ASP B 75 51.18 8.42 3.31
N GLN B 76 50.01 7.86 2.97
CA GLN B 76 49.53 7.76 1.60
C GLN B 76 48.42 8.75 1.27
N TRP B 77 48.05 9.60 2.22
CA TRP B 77 46.88 10.45 2.07
C TRP B 77 47.23 11.69 1.29
N ASN B 78 46.88 11.72 0.00
CA ASN B 78 47.30 12.77 -0.90
C ASN B 78 46.27 12.99 -2.01
N PRO B 79 45.08 13.52 -1.62
CA PRO B 79 43.96 13.66 -2.54
C PRO B 79 44.16 14.80 -3.51
N THR B 80 45.06 14.60 -4.44
CA THR B 80 45.46 15.68 -5.33
C THR B 80 44.34 16.26 -6.21
N LYS B 81 43.26 15.52 -6.44
CA LYS B 81 42.17 16.04 -7.28
C LYS B 81 41.10 16.77 -6.44
N PHE B 82 41.30 16.77 -5.12
CA PHE B 82 40.34 17.40 -4.23
C PHE B 82 40.23 18.87 -4.55
N ASP B 83 38.99 19.34 -4.65
CA ASP B 83 38.71 20.74 -4.88
C ASP B 83 37.41 21.05 -4.17
N ALA B 84 37.49 21.76 -3.04
CA ALA B 84 36.31 22.01 -2.20
C ALA B 84 35.21 22.75 -2.97
N LYS B 85 35.59 23.69 -3.82
CA LYS B 85 34.63 24.43 -4.63
C LYS B 85 33.84 23.52 -5.55
N LYS B 86 34.51 22.52 -6.11
CA LYS B 86 33.88 21.56 -7.00
C LYS B 86 32.90 20.68 -6.24
N TRP B 87 33.31 20.26 -5.04
CA TRP B 87 32.44 19.43 -4.18
C TRP B 87 31.17 20.20 -3.84
N ALA B 88 31.36 21.48 -3.51
CA ALA B 88 30.25 22.36 -3.17
C ALA B 88 29.33 22.65 -4.37
N LYS B 89 29.92 22.75 -5.57
CA LYS B 89 29.14 22.79 -6.81
C LYS B 89 28.34 21.48 -7.02
N MET B 90 28.93 20.34 -6.74
CA MET B 90 28.24 19.06 -6.93
C MET B 90 27.00 19.03 -6.02
N ALA B 91 27.20 19.35 -4.74
CA ALA B 91 26.10 19.45 -3.76
C ALA B 91 25.01 20.44 -4.17
N LYS B 92 25.39 21.66 -4.55
CA LYS B 92 24.41 22.69 -4.91
C LYS B 92 23.59 22.25 -6.12
N GLU B 93 24.23 21.57 -7.05
CA GLU B 93 23.56 21.15 -8.25
C GLU B 93 22.63 19.96 -8.02
N MET B 94 23.01 19.07 -7.11
CA MET B 94 22.16 17.97 -6.64
C MET B 94 20.86 18.48 -5.97
N GLY B 95 20.88 19.71 -5.47
CA GLY B 95 19.75 20.26 -4.74
C GLY B 95 19.78 19.97 -3.25
N THR B 96 20.91 19.53 -2.72
CA THR B 96 21.06 19.37 -1.28
C THR B 96 21.09 20.77 -0.63
N LYS B 97 20.42 20.94 0.52
CA LYS B 97 20.46 22.19 1.28
C LYS B 97 21.49 22.14 2.44
N TYR B 98 21.96 20.95 2.76
CA TYR B 98 22.99 20.76 3.79
C TYR B 98 23.82 19.53 3.53
N VAL B 99 25.01 19.51 4.11
CA VAL B 99 25.93 18.38 3.98
C VAL B 99 26.48 18.01 5.34
N LYS B 100 26.40 16.73 5.64
CA LYS B 100 26.93 16.17 6.87
C LYS B 100 28.26 15.48 6.56
N ILE B 101 29.31 15.91 7.27
CA ILE B 101 30.68 15.51 6.98
C ILE B 101 31.27 14.70 8.11
N THR B 102 31.88 13.57 7.80
CA THR B 102 32.64 12.81 8.79
C THR B 102 33.86 13.66 9.21
N THR B 103 33.77 14.33 10.36
CA THR B 103 34.97 15.03 10.90
C THR B 103 36.00 14.02 11.33
N LYS B 104 35.51 12.91 11.85
CA LYS B 104 36.28 11.81 12.39
C LYS B 104 35.34 10.63 12.43
N HIS B 105 35.77 9.51 11.83
CA HIS B 105 35.03 8.26 11.87
C HIS B 105 35.65 7.35 12.94
N HIS B 106 35.18 6.11 13.04
CA HIS B 106 35.68 5.18 14.04
C HIS B 106 37.20 5.06 14.02
N GLU B 107 37.78 5.10 12.81
CA GLU B 107 39.23 4.98 12.69
C GLU B 107 39.99 6.03 13.50
N GLY B 108 39.41 7.20 13.68
CA GLY B 108 40.00 8.24 14.54
C GLY B 108 40.78 9.32 13.83
N PHE B 109 41.01 9.15 12.52
CA PHE B 109 41.71 10.14 11.70
C PHE B 109 40.83 11.36 11.52
N CYS B 110 41.33 12.53 11.94
CA CYS B 110 40.58 13.77 11.87
C CYS B 110 40.79 14.53 10.54
N LEU B 111 39.71 15.01 9.95
CA LEU B 111 39.76 15.76 8.73
C LEU B 111 40.07 17.23 8.97
N TRP B 112 40.27 17.60 10.22
CA TRP B 112 40.71 18.96 10.59
C TRP B 112 42.01 18.78 11.41
N PRO B 113 42.85 19.82 11.40
CA PRO B 113 44.16 19.70 12.05
C PRO B 113 44.03 19.88 13.55
N SER B 114 43.51 18.84 14.20
CA SER B 114 43.30 18.88 15.63
C SER B 114 44.62 19.06 16.40
N LYS B 115 44.51 19.77 17.52
CA LYS B 115 45.63 20.01 18.41
C LYS B 115 45.71 18.88 19.45
N TYR B 116 44.74 17.96 19.42
CA TYR B 116 44.64 16.90 20.46
C TYR B 116 45.04 15.51 20.07
N THR B 117 45.43 15.33 18.81
CA THR B 117 45.95 14.06 18.35
C THR B 117 46.87 14.32 17.17
N LYS B 118 47.81 13.42 16.96
CA LYS B 118 48.67 13.48 15.78
C LYS B 118 48.01 12.86 14.53
N TYR B 119 46.88 12.18 14.72
CA TYR B 119 46.25 11.46 13.60
C TYR B 119 45.28 12.36 12.86
N THR B 120 45.82 13.31 12.10
CA THR B 120 45.04 14.33 11.43
C THR B 120 45.59 14.64 10.05
N VAL B 121 44.80 15.36 9.29
CA VAL B 121 45.19 15.84 7.98
C VAL B 121 46.54 16.57 7.94
N ALA B 122 46.92 17.23 9.05
CA ALA B 122 48.17 18.02 9.10
C ALA B 122 49.39 17.12 8.87
N ASN B 123 49.31 15.87 9.32
CA ASN B 123 50.42 14.91 9.25
C ASN B 123 50.27 13.94 8.12
N THR B 124 49.94 14.48 6.96
CA THR B 124 49.88 13.72 5.74
C THR B 124 50.63 14.51 4.68
N PRO B 125 50.99 13.86 3.57
CA PRO B 125 51.59 14.58 2.46
C PRO B 125 50.73 15.74 1.99
N TYR B 126 49.40 15.62 2.14
CA TYR B 126 48.51 16.70 1.67
C TYR B 126 48.47 17.95 2.55
N LYS B 127 48.61 17.74 3.86
CA LYS B 127 48.69 18.82 4.88
C LYS B 127 47.44 19.67 5.12
N ARG B 128 46.66 19.97 4.08
CA ARG B 128 45.59 20.98 4.17
C ARG B 128 44.44 20.63 5.12
N ASP B 129 43.78 21.66 5.64
CA ASP B 129 42.57 21.51 6.49
C ASP B 129 41.37 21.22 5.58
N ILE B 130 41.16 19.95 5.27
CA ILE B 130 40.05 19.49 4.41
C ILE B 130 38.71 20.01 4.95
N LEU B 131 38.47 19.76 6.23
CA LEU B 131 37.20 20.13 6.88
C LEU B 131 36.93 21.61 6.73
N GLY B 132 37.93 22.42 7.06
CA GLY B 132 37.84 23.86 6.88
C GLY B 132 37.59 24.34 5.47
N GLU B 133 38.24 23.72 4.48
CA GLU B 133 38.00 24.07 3.09
C GLU B 133 36.57 23.74 2.65
N LEU B 134 36.07 22.60 3.10
CA LEU B 134 34.69 22.19 2.81
C LEU B 134 33.68 23.14 3.46
N VAL B 135 33.88 23.43 4.75
CA VAL B 135 32.96 24.35 5.45
C VAL B 135 32.79 25.65 4.69
N LYS B 136 33.91 26.24 4.26
CA LYS B 136 33.86 27.52 3.60
C LYS B 136 33.22 27.39 2.18
N ALA B 137 33.59 26.36 1.44
CA ALA B 137 33.09 26.17 0.09
C ALA B 137 31.59 25.90 0.12
N TYR B 138 31.16 25.00 1.00
CA TYR B 138 29.72 24.74 1.13
C TYR B 138 28.99 26.00 1.55
N ASN B 139 29.49 26.72 2.56
CA ASN B 139 28.80 27.94 3.02
C ASN B 139 28.69 29.03 1.98
N ASP B 140 29.73 29.14 1.13
CA ASP B 140 29.75 30.07 -0.02
C ASP B 140 28.63 29.78 -1.04
N GLU B 141 28.17 28.52 -1.10
CA GLU B 141 27.05 28.12 -1.98
C GLU B 141 25.69 28.18 -1.27
N GLY B 142 25.66 28.69 -0.04
CA GLY B 142 24.43 28.79 0.74
C GLY B 142 24.01 27.47 1.39
N ILE B 143 24.95 26.55 1.54
CA ILE B 143 24.66 25.22 2.06
C ILE B 143 25.14 25.07 3.50
N ASP B 144 24.23 24.66 4.41
CA ASP B 144 24.57 24.46 5.81
C ASP B 144 25.47 23.27 5.97
N VAL B 145 26.31 23.30 6.99
CA VAL B 145 27.23 22.20 7.24
C VAL B 145 26.99 21.62 8.62
N HIS B 146 26.87 20.30 8.64
CA HIS B 146 26.64 19.51 9.85
C HIS B 146 27.84 18.61 10.06
N PHE B 147 28.27 18.43 11.31
CA PHE B 147 29.45 17.60 11.59
C PHE B 147 29.03 16.27 12.11
N TYR B 148 29.40 15.21 11.38
CA TYR B 148 29.38 13.86 11.92
C TYR B 148 30.58 13.74 12.86
N PHE B 149 30.42 13.01 13.97
CA PHE B 149 31.50 12.76 14.90
C PHE B 149 31.31 11.40 15.51
N SER B 150 32.30 10.54 15.37
CA SER B 150 32.29 9.26 15.99
C SER B 150 32.94 9.36 17.36
N VAL B 151 32.19 8.95 18.38
CA VAL B 151 32.68 8.94 19.75
C VAL B 151 33.64 7.78 19.85
N MET B 152 33.19 6.60 19.46
CA MET B 152 34.07 5.45 19.35
C MET B 152 35.29 5.84 18.52
N ASP B 153 36.47 5.58 19.07
CA ASP B 153 37.70 5.98 18.41
C ASP B 153 38.72 4.86 18.56
N TRP B 154 39.00 4.21 17.42
CA TRP B 154 39.95 3.12 17.36
C TRP B 154 41.43 3.55 17.43
N SER B 155 41.70 4.85 17.41
CA SER B 155 43.07 5.40 17.47
C SER B 155 43.50 5.79 18.87
N ASN B 156 42.54 5.88 19.80
CA ASN B 156 42.87 6.25 21.18
C ASN B 156 42.77 5.00 22.07
N PRO B 157 43.91 4.49 22.60
CA PRO B 157 43.79 3.29 23.41
C PRO B 157 43.11 3.47 24.78
N ASP B 158 42.74 4.70 25.15
CA ASP B 158 41.91 4.93 26.35
C ASP B 158 40.41 4.63 26.07
N TYR B 159 40.04 4.41 24.81
CA TYR B 159 38.67 3.96 24.54
C TYR B 159 38.44 2.60 25.18
N ARG B 160 37.22 2.43 25.70
CA ARG B 160 36.72 1.15 26.19
C ARG B 160 35.32 0.89 25.62
N TYR B 161 35.02 -0.38 25.34
CA TYR B 161 33.70 -0.81 24.86
C TYR B 161 32.76 -1.08 26.06
N ASP B 162 33.37 -1.44 27.19
CA ASP B 162 32.64 -1.64 28.43
C ASP B 162 33.60 -1.34 29.60
N ILE B 163 33.04 -1.19 30.80
CA ILE B 163 33.81 -0.97 32.01
C ILE B 163 33.74 -2.29 32.78
N LYS B 164 34.87 -3.00 32.82
CA LYS B 164 34.93 -4.33 33.42
C LYS B 164 35.98 -4.41 34.55
N SER B 165 36.60 -3.28 34.86
CA SER B 165 37.65 -3.27 35.85
C SER B 165 37.75 -1.87 36.36
N LYS B 166 38.53 -1.70 37.42
CA LYS B 166 38.84 -0.38 37.94
C LYS B 166 39.65 0.46 36.94
N GLU B 167 40.55 -0.19 36.20
CA GLU B 167 41.41 0.50 35.24
C GLU B 167 40.61 1.01 34.02
N ASP B 168 39.62 0.23 33.60
CA ASP B 168 38.76 0.61 32.48
C ASP B 168 38.12 1.96 32.78
N SER B 169 37.74 2.14 34.04
CA SER B 169 37.07 3.34 34.47
C SER B 169 37.97 4.53 34.31
N ILE B 170 39.21 4.42 34.77
CA ILE B 170 40.16 5.54 34.72
C ILE B 170 40.48 5.96 33.29
N ALA B 171 40.73 4.96 32.45
CA ALA B 171 41.09 5.23 31.06
C ALA B 171 39.91 5.90 30.34
N PHE B 172 38.70 5.43 30.61
CA PHE B 172 37.51 5.97 29.93
C PHE B 172 37.28 7.40 30.29
N SER B 173 37.56 7.76 31.55
CA SER B 173 37.48 9.14 31.97
C SER B 173 38.43 10.02 31.18
N ARG B 174 39.64 9.53 30.92
CA ARG B 174 40.57 10.25 30.05
C ARG B 174 40.00 10.38 28.65
N PHE B 175 39.40 9.30 28.16
CA PHE B 175 38.81 9.29 26.83
C PHE B 175 37.72 10.34 26.65
N LEU B 176 36.85 10.51 27.66
CA LEU B 176 35.81 11.53 27.59
C LEU B 176 36.34 12.95 27.58
N GLU B 177 37.44 13.19 28.30
CA GLU B 177 38.05 14.51 28.34
C GLU B 177 38.64 14.84 26.97
N PHE B 178 39.33 13.87 26.41
CA PHE B 178 39.88 13.98 25.07
C PHE B 178 38.79 14.31 24.05
N THR B 179 37.69 13.58 24.14
CA THR B 179 36.51 13.79 23.25
C THR B 179 35.94 15.18 23.42
N ASP B 180 35.73 15.58 24.67
CA ASP B 180 35.37 16.95 24.96
C ASP B 180 36.29 17.96 24.30
N ASN B 181 37.61 17.78 24.40
CA ASN B 181 38.53 18.72 23.80
C ASN B 181 38.32 18.87 22.29
N GLN B 182 38.18 17.72 21.62
CA GLN B 182 37.96 17.74 20.16
C GLN B 182 36.65 18.44 19.79
N LEU B 183 35.63 18.18 20.58
CA LEU B 183 34.31 18.74 20.31
C LEU B 183 34.33 20.24 20.45
N LYS B 184 34.92 20.73 21.54
CA LYS B 184 35.01 22.19 21.73
C LYS B 184 35.87 22.82 20.65
N GLU B 185 36.92 22.13 20.25
CA GLU B 185 37.76 22.61 19.14
C GLU B 185 36.98 22.78 17.84
N LEU B 186 36.21 21.76 17.48
CA LEU B 186 35.38 21.79 16.25
C LEU B 186 34.38 22.94 16.29
N ALA B 187 33.74 23.12 17.44
CA ALA B 187 32.76 24.20 17.62
C ALA B 187 33.36 25.60 17.54
N THR B 188 34.62 25.75 17.95
CA THR B 188 35.25 27.07 17.98
C THR B 188 35.96 27.38 16.68
N ARG B 189 36.60 26.39 16.07
CA ARG B 189 37.24 26.62 14.79
C ARG B 189 36.24 26.89 13.68
N TYR B 190 35.08 26.24 13.73
CA TYR B 190 34.10 26.26 12.64
C TYR B 190 32.74 26.67 13.17
N PRO B 191 32.57 27.98 13.49
CA PRO B 191 31.34 28.37 14.18
C PRO B 191 30.08 28.49 13.31
N THR B 192 30.19 28.24 12.00
CA THR B 192 29.02 28.15 11.12
C THR B 192 28.37 26.76 11.16
N VAL B 193 28.94 25.85 11.94
CA VAL B 193 28.35 24.51 12.11
C VAL B 193 26.91 24.62 12.66
N LYS B 194 26.00 23.84 12.09
CA LYS B 194 24.58 23.92 12.46
C LYS B 194 24.07 22.70 13.20
N ASP B 195 24.85 21.62 13.21
CA ASP B 195 24.44 20.34 13.76
C ASP B 195 25.66 19.51 14.08
N PHE B 196 25.54 18.72 15.14
CA PHE B 196 26.47 17.63 15.45
C PHE B 196 25.69 16.33 15.43
N TRP B 197 26.11 15.44 14.54
CA TRP B 197 25.51 14.14 14.40
C TRP B 197 26.47 13.07 14.95
N PHE B 198 26.20 12.63 16.17
CA PHE B 198 27.06 11.67 16.84
C PHE B 198 26.73 10.27 16.42
N ASP B 199 27.79 9.45 16.37
CA ASP B 199 27.68 8.05 16.01
C ASP B 199 28.66 7.28 16.86
N GLY B 200 28.62 5.94 16.81
CA GLY B 200 29.57 5.17 17.60
C GLY B 200 29.37 5.41 19.10
N THR B 201 28.10 5.52 19.50
CA THR B 201 27.76 5.81 20.90
C THR B 201 26.92 4.70 21.54
N TRP B 202 26.95 3.51 20.93
CA TRP B 202 26.10 2.35 21.29
C TRP B 202 26.75 1.42 22.31
N ASP B 203 28.03 1.60 22.58
CA ASP B 203 28.75 0.67 23.45
C ASP B 203 28.29 0.85 24.89
N ALA B 204 28.42 -0.21 25.69
CA ALA B 204 28.00 -0.16 27.08
C ALA B 204 28.71 0.96 27.86
N SER B 205 29.97 1.22 27.52
CA SER B 205 30.73 2.29 28.14
C SER B 205 30.03 3.64 28.06
N VAL B 206 29.50 3.97 26.88
CA VAL B 206 28.81 5.23 26.71
C VAL B 206 27.47 5.19 27.43
N LYS B 207 26.79 4.06 27.33
CA LYS B 207 25.49 3.90 27.93
C LYS B 207 25.54 4.09 29.44
N LYS B 208 26.68 3.71 30.03
CA LYS B 208 26.92 3.92 31.46
C LYS B 208 27.35 5.37 31.77
N ASN B 209 27.51 6.20 30.74
CA ASN B 209 27.87 7.61 30.94
C ASN B 209 26.85 8.53 30.28
N GLY B 210 25.57 8.23 30.55
CA GLY B 210 24.45 9.09 30.15
C GLY B 210 24.69 10.54 30.45
N TRP B 211 25.17 10.82 31.67
CA TRP B 211 25.49 12.18 32.09
C TRP B 211 26.43 12.90 31.12
N TRP B 212 27.41 12.18 30.59
CA TRP B 212 28.40 12.80 29.70
C TRP B 212 27.71 13.20 28.38
N THR B 213 26.79 12.37 27.90
CA THR B 213 26.07 12.66 26.66
C THR B 213 25.20 13.89 26.81
N ALA B 214 24.57 14.04 27.98
CA ALA B 214 23.80 15.25 28.30
C ALA B 214 24.69 16.48 28.38
N HIS B 215 25.86 16.30 28.99
CA HIS B 215 26.85 17.38 29.09
C HIS B 215 27.37 17.77 27.70
N ALA B 216 27.60 16.79 26.84
CA ALA B 216 28.13 17.09 25.51
C ALA B 216 27.14 17.91 24.72
N GLU B 217 25.88 17.52 24.77
CA GLU B 217 24.80 18.29 24.15
C GLU B 217 24.81 19.72 24.62
N GLN B 218 24.81 19.91 25.94
CA GLN B 218 24.70 21.27 26.52
C GLN B 218 25.91 22.15 26.20
N MET B 219 27.09 21.58 26.37
CA MET B 219 28.35 22.25 26.04
C MET B 219 28.32 22.81 24.61
N LEU B 220 27.92 21.98 23.64
CA LEU B 220 27.95 22.41 22.25
C LEU B 220 26.89 23.45 22.00
N LYS B 221 25.73 23.27 22.65
CA LYS B 221 24.67 24.28 22.57
C LYS B 221 25.12 25.63 23.12
N GLU B 222 25.90 25.60 24.21
CA GLU B 222 26.46 26.84 24.78
C GLU B 222 27.42 27.52 23.82
N LEU B 223 28.15 26.72 23.05
CA LEU B 223 29.12 27.25 22.13
C LEU B 223 28.55 27.75 20.79
N VAL B 224 27.51 27.07 20.29
CA VAL B 224 26.99 27.37 18.96
C VAL B 224 25.50 27.67 19.06
N PRO B 225 25.12 28.95 19.02
CA PRO B 225 23.69 29.31 19.09
C PRO B 225 22.86 28.53 18.09
N GLY B 226 21.79 27.91 18.58
CA GLY B 226 20.81 27.24 17.74
C GLY B 226 21.22 25.91 17.16
N VAL B 227 22.35 25.36 17.61
CA VAL B 227 22.85 24.13 17.03
C VAL B 227 21.84 23.01 17.31
N ALA B 228 21.72 22.09 16.36
CA ALA B 228 20.96 20.85 16.55
C ALA B 228 21.90 19.71 16.97
N ILE B 229 21.39 18.83 17.80
CA ILE B 229 22.14 17.69 18.30
C ILE B 229 21.26 16.46 18.14
N ASN B 230 21.81 15.39 17.58
CA ASN B 230 20.96 14.23 17.24
C ASN B 230 20.71 13.31 18.43
N SER B 231 19.65 12.53 18.33
CA SER B 231 19.26 11.61 19.41
C SER B 231 20.24 10.45 19.63
N ARG B 232 20.97 10.05 18.61
CA ARG B 232 21.89 8.92 18.73
C ARG B 232 23.00 9.16 19.78
N LEU B 233 23.35 10.41 20.01
CA LEU B 233 24.32 10.79 21.05
C LEU B 233 23.85 10.28 22.40
N ARG B 234 22.53 10.37 22.64
CA ARG B 234 22.00 10.51 24.00
C ARG B 234 21.62 9.19 24.66
N ALA B 235 22.05 9.05 25.92
CA ALA B 235 21.59 7.99 26.79
C ALA B 235 21.21 8.68 28.10
N ASP B 236 20.20 8.14 28.77
CA ASP B 236 19.75 8.74 30.01
C ASP B 236 20.40 8.06 31.22
N ASP B 237 19.91 8.42 32.40
CA ASP B 237 20.38 7.88 33.69
C ASP B 237 20.45 6.36 33.73
N LYS B 238 19.50 5.70 33.05
CA LYS B 238 19.38 4.23 33.00
C LYS B 238 20.11 3.63 31.82
N GLY B 239 20.66 4.49 30.97
CA GLY B 239 21.39 4.04 29.80
C GLY B 239 20.51 3.65 28.65
N LYS B 240 19.28 4.17 28.63
CA LYS B 240 18.37 3.98 27.50
C LYS B 240 18.72 5.05 26.47
N ARG B 241 18.83 4.63 25.22
CA ARG B 241 19.27 5.51 24.15
C ARG B 241 18.12 6.05 23.29
N HIS B 242 18.38 7.20 22.69
CA HIS B 242 17.46 7.93 21.81
C HIS B 242 16.27 8.55 22.55
N PHE B 243 15.37 7.71 23.03
CA PHE B 243 14.26 8.12 23.90
C PHE B 243 14.58 7.72 25.35
N ASP B 244 14.24 8.60 26.30
CA ASP B 244 14.53 8.30 27.71
C ASP B 244 13.60 7.24 28.30
N SER B 245 13.80 6.97 29.59
CA SER B 245 12.99 6.01 30.28
C SER B 245 11.51 6.41 30.47
N ASN B 246 11.20 7.69 30.27
CA ASN B 246 9.81 8.18 30.18
C ASN B 246 9.25 8.24 28.76
N GLY B 247 10.04 7.74 27.80
CA GLY B 247 9.63 7.66 26.39
C GLY B 247 9.78 8.97 25.64
N ARG B 248 10.57 9.90 26.17
CA ARG B 248 10.65 11.20 25.57
C ARG B 248 11.95 11.30 24.78
N LEU B 249 11.83 11.89 23.59
CA LEU B 249 12.99 12.05 22.70
C LEU B 249 14.06 12.97 23.27
N MET B 250 15.27 12.41 23.40
CA MET B 250 16.46 13.18 23.77
C MET B 250 17.15 13.70 22.52
N GLY B 251 17.85 14.82 22.66
CA GLY B 251 18.37 15.51 21.51
C GLY B 251 17.26 16.26 20.81
N ASP B 252 17.57 16.77 19.63
CA ASP B 252 16.68 17.64 18.92
C ASP B 252 15.87 16.94 17.83
N TYR B 253 16.30 15.74 17.44
CA TYR B 253 15.64 15.01 16.35
C TYR B 253 16.05 13.58 16.45
N GLU B 254 15.15 12.69 16.06
CA GLU B 254 15.36 11.25 16.09
C GLU B 254 16.21 10.86 14.87
N SER B 255 17.10 9.89 15.08
CA SER B 255 18.21 9.65 14.18
C SER B 255 18.59 8.18 14.05
N GLY B 256 17.60 7.29 14.12
CA GLY B 256 17.77 5.83 14.03
C GLY B 256 17.40 5.16 12.69
N TYR B 257 16.70 5.88 11.82
CA TYR B 257 16.33 5.33 10.49
C TYR B 257 17.56 5.40 9.57
N GLU B 258 18.21 4.27 9.43
CA GLU B 258 19.49 4.21 8.74
C GLU B 258 19.39 3.06 7.74
N ARG B 259 19.36 3.39 6.45
CA ARG B 259 19.11 2.40 5.39
C ARG B 259 17.72 1.72 5.51
N ARG B 260 16.79 2.38 6.21
CA ARG B 260 15.41 1.97 6.31
C ARG B 260 14.58 3.17 6.68
N LEU B 261 13.27 3.03 6.49
CA LEU B 261 12.34 4.14 6.69
C LEU B 261 11.08 3.67 7.41
N PRO B 262 10.42 4.57 8.12
CA PRO B 262 9.17 4.11 8.73
C PRO B 262 8.06 3.71 7.72
N ASP B 263 7.26 2.72 8.11
CA ASP B 263 6.14 2.30 7.26
C ASP B 263 5.10 3.41 7.12
N PRO B 264 4.68 3.75 5.89
CA PRO B 264 3.72 4.83 5.72
C PRO B 264 2.32 4.63 6.29
N VAL B 265 1.94 3.43 6.67
CA VAL B 265 0.65 3.23 7.35
C VAL B 265 0.81 2.98 8.86
N LYS B 266 1.78 2.14 9.21
CA LYS B 266 1.89 1.62 10.57
C LYS B 266 2.72 2.47 11.53
N ASP B 267 3.54 3.40 11.02
CA ASP B 267 4.50 4.15 11.85
C ASP B 267 4.28 5.64 11.82
N LEU B 268 3.01 6.05 11.82
CA LEU B 268 2.67 7.45 11.82
C LEU B 268 3.09 8.20 13.09
N LYS B 269 3.50 7.48 14.13
CA LYS B 269 4.02 8.08 15.35
C LYS B 269 5.23 9.01 15.10
N VAL B 270 5.97 8.76 14.03
CA VAL B 270 7.16 9.53 13.70
C VAL B 270 6.86 10.98 13.41
N THR B 271 5.61 11.30 13.07
CA THR B 271 5.21 12.66 12.77
C THR B 271 5.14 13.55 14.02
N GLN B 272 5.27 12.97 15.20
CA GLN B 272 5.21 13.76 16.47
C GLN B 272 6.54 14.44 16.85
N TRP B 273 7.64 14.11 16.17
CA TRP B 273 8.97 14.66 16.47
C TRP B 273 9.72 14.89 15.19
N ASP B 274 10.74 15.75 15.25
CA ASP B 274 11.65 15.91 14.12
C ASP B 274 12.48 14.66 13.98
N TRP B 275 12.85 14.33 12.76
CA TRP B 275 13.66 13.15 12.55
C TRP B 275 14.38 13.26 11.22
N GLU B 276 15.49 12.55 11.14
CA GLU B 276 16.35 12.61 9.96
C GLU B 276 16.79 11.20 9.64
N ALA B 277 16.56 10.80 8.40
CA ALA B 277 16.98 9.47 7.94
C ALA B 277 18.28 9.59 7.15
N CYS B 278 19.04 8.51 7.11
CA CYS B 278 20.21 8.49 6.25
C CYS B 278 20.19 7.23 5.43
N MET B 279 20.81 7.27 4.24
CA MET B 279 20.89 6.10 3.36
C MET B 279 22.19 6.02 2.52
N THR B 280 22.46 4.81 2.03
CA THR B 280 23.60 4.53 1.17
C THR B 280 23.11 4.22 -0.25
N ILE B 281 23.98 4.35 -1.24
CA ILE B 281 23.62 4.00 -2.63
C ILE B 281 23.73 2.49 -2.84
N PRO B 282 24.87 1.87 -2.53
CA PRO B 282 24.89 0.43 -2.43
C PRO B 282 24.16 -0.06 -1.17
N GLU B 283 24.13 -1.36 -0.95
CA GLU B 283 23.32 -1.91 0.13
C GLU B 283 23.85 -1.45 1.50
N ASN B 284 25.17 -1.51 1.68
CA ASN B 284 25.80 -1.05 2.95
C ASN B 284 27.31 -0.75 2.72
N GLN B 285 27.55 0.41 2.16
CA GLN B 285 28.89 0.95 1.93
C GLN B 285 28.75 2.43 2.19
N TRP B 286 29.45 2.95 3.19
CA TRP B 286 29.43 4.39 3.45
C TRP B 286 30.73 5.02 2.91
N GLY B 287 31.85 4.47 3.36
CA GLY B 287 33.14 4.82 2.79
C GLY B 287 33.30 4.26 1.37
N TYR B 288 34.22 4.86 0.62
CA TYR B 288 34.57 4.34 -0.72
C TYR B 288 34.94 2.88 -0.70
N HIS B 289 34.23 2.06 -1.47
CA HIS B 289 34.59 0.66 -1.72
C HIS B 289 34.85 0.53 -3.23
N LYS B 290 35.94 -0.13 -3.58
CA LYS B 290 36.37 -0.24 -4.98
C LYS B 290 35.45 -1.07 -5.88
N ASP B 291 34.75 -2.04 -5.29
CA ASP B 291 33.93 -2.97 -6.06
C ASP B 291 32.45 -2.94 -5.67
N TRP B 292 31.70 -2.08 -6.34
CA TRP B 292 30.27 -1.96 -6.13
C TRP B 292 29.42 -3.07 -6.80
N SER B 293 30.05 -4.00 -7.51
CA SER B 293 29.31 -5.15 -8.05
C SER B 293 28.97 -6.18 -6.97
N LEU B 294 29.50 -5.98 -5.75
CA LEU B 294 29.33 -6.94 -4.69
C LEU B 294 27.94 -6.94 -4.03
N SER B 295 27.18 -5.86 -4.20
CA SER B 295 25.83 -5.77 -3.64
C SER B 295 25.02 -4.94 -4.60
N TYR B 296 23.71 -4.83 -4.34
CA TYR B 296 22.83 -4.02 -5.15
C TYR B 296 23.09 -2.52 -5.01
N VAL B 297 23.08 -1.83 -6.16
CA VAL B 297 23.29 -0.38 -6.28
C VAL B 297 22.01 0.30 -6.71
N LYS B 298 21.54 1.26 -5.90
CA LYS B 298 20.30 1.99 -6.19
C LYS B 298 20.36 3.00 -7.33
N THR B 299 19.25 3.06 -8.07
CA THR B 299 19.09 4.01 -9.14
C THR B 299 18.62 5.30 -8.56
N PRO B 300 18.77 6.39 -9.32
CA PRO B 300 18.29 7.69 -8.92
C PRO B 300 16.81 7.73 -8.49
N ILE B 301 15.92 7.10 -9.26
CA ILE B 301 14.50 7.10 -8.85
C ILE B 301 14.28 6.36 -7.54
N GLU B 302 15.00 5.29 -7.32
CA GLU B 302 14.88 4.53 -6.10
C GLU B 302 15.32 5.40 -4.93
N VAL B 303 16.27 6.32 -5.16
CA VAL B 303 16.76 7.24 -4.14
C VAL B 303 15.77 8.36 -3.91
N ILE B 304 15.25 8.95 -4.99
CA ILE B 304 14.29 10.05 -4.92
C ILE B 304 13.01 9.54 -4.23
N ASP B 305 12.63 8.28 -4.46
CA ASP B 305 11.48 7.69 -3.77
C ASP B 305 11.65 7.76 -2.23
N ARG B 306 12.81 7.33 -1.80
CA ARG B 306 13.16 7.38 -0.36
C ARG B 306 13.20 8.78 0.22
N ILE B 307 13.74 9.74 -0.53
CA ILE B 307 13.70 11.13 -0.15
C ILE B 307 12.27 11.64 0.07
N VAL B 308 11.38 11.34 -0.88
CA VAL B 308 10.01 11.84 -0.78
C VAL B 308 9.26 11.09 0.36
N HIS B 309 9.55 9.81 0.55
CA HIS B 309 8.95 8.97 1.58
C HIS B 309 9.26 9.63 2.93
N ALA B 310 10.51 10.01 3.12
CA ALA B 310 10.92 10.69 4.38
C ALA B 310 10.13 11.98 4.63
N VAL B 311 10.09 12.88 3.66
CA VAL B 311 9.43 14.17 3.82
C VAL B 311 7.92 13.98 4.07
N SER B 312 7.36 13.01 3.36
CA SER B 312 5.93 12.70 3.46
C SER B 312 5.56 12.28 4.86
N MET B 313 6.53 11.80 5.64
CA MET B 313 6.26 11.50 7.04
C MET B 313 6.98 12.40 8.04
N GLY B 314 7.31 13.60 7.62
CA GLY B 314 7.81 14.62 8.53
C GLY B 314 9.30 14.60 8.79
N GLY B 315 10.03 13.84 7.99
CA GLY B 315 11.47 13.62 8.13
C GLY B 315 12.35 14.21 7.03
N ASN B 316 13.63 14.38 7.36
CA ASN B 316 14.70 14.72 6.41
C ASN B 316 15.33 13.43 5.91
N MET B 317 15.99 13.48 4.74
CA MET B 317 16.80 12.36 4.24
C MET B 317 18.18 12.88 3.87
N VAL B 318 19.18 12.10 4.20
CA VAL B 318 20.56 12.41 3.83
C VAL B 318 21.09 11.23 3.01
N VAL B 319 21.54 11.55 1.80
CA VAL B 319 22.04 10.57 0.84
C VAL B 319 23.56 10.59 0.88
N ASN B 320 24.14 9.42 1.12
CA ASN B 320 25.57 9.30 1.36
C ASN B 320 26.43 9.14 0.10
N PHE B 321 27.60 9.78 0.17
CA PHE B 321 28.64 9.68 -0.82
C PHE B 321 29.94 9.26 -0.13
N GLY B 322 30.69 8.41 -0.81
CA GLY B 322 31.98 7.92 -0.34
C GLY B 322 33.07 8.33 -1.32
N PRO B 323 33.63 9.55 -1.14
CA PRO B 323 34.66 10.03 -2.09
C PRO B 323 35.88 9.18 -2.20
N GLN B 324 36.44 9.24 -3.40
CA GLN B 324 37.63 8.45 -3.72
C GLN B 324 38.85 8.95 -2.93
N ALA B 325 39.88 8.11 -2.81
CA ALA B 325 41.13 8.49 -2.15
C ALA B 325 41.77 9.72 -2.82
N ASP B 326 41.57 9.89 -4.13
CA ASP B 326 42.26 10.96 -4.88
C ASP B 326 41.52 12.30 -4.74
N GLY B 327 40.33 12.27 -4.15
CA GLY B 327 39.58 13.48 -3.88
C GLY B 327 38.51 13.79 -4.90
N ASP B 328 38.26 12.85 -5.82
CA ASP B 328 37.20 13.01 -6.79
C ASP B 328 36.07 12.06 -6.40
N PHE B 329 34.92 12.21 -7.05
CA PHE B 329 33.81 11.30 -6.86
C PHE B 329 33.71 10.31 -8.02
N ARG B 330 33.45 9.05 -7.67
CA ARG B 330 33.25 7.98 -8.67
C ARG B 330 32.10 8.29 -9.66
N PRO B 331 32.19 7.78 -10.89
CA PRO B 331 31.17 8.12 -11.89
C PRO B 331 29.71 7.91 -11.45
N GLU B 332 29.44 6.81 -10.73
CA GLU B 332 28.09 6.43 -10.32
C GLU B 332 27.53 7.48 -9.38
N GLU B 333 28.40 8.08 -8.56
CA GLU B 333 27.95 9.11 -7.64
C GLU B 333 27.76 10.44 -8.34
N LYS B 334 28.65 10.79 -9.28
CA LYS B 334 28.39 11.95 -10.13
C LYS B 334 27.05 11.81 -10.90
N ALA B 335 26.78 10.61 -11.40
CA ALA B 335 25.53 10.33 -12.15
C ALA B 335 24.33 10.54 -11.22
N MET B 336 24.45 10.01 -9.99
CA MET B 336 23.37 10.12 -9.00
C MET B 336 23.04 11.55 -8.66
N ALA B 337 24.06 12.37 -8.35
CA ALA B 337 23.82 13.75 -7.93
C ALA B 337 23.23 14.58 -9.05
N THR B 338 23.72 14.39 -10.26
CA THR B 338 23.14 15.07 -11.40
C THR B 338 21.66 14.76 -11.60
N ALA B 339 21.32 13.48 -11.54
CA ALA B 339 19.94 13.04 -11.77
C ALA B 339 19.04 13.51 -10.66
N ILE B 340 19.48 13.37 -9.41
CA ILE B 340 18.68 13.90 -8.31
C ILE B 340 18.45 15.39 -8.52
N GLY B 341 19.48 16.10 -8.94
CA GLY B 341 19.37 17.54 -9.11
C GLY B 341 18.43 17.94 -10.21
N LYS B 342 18.45 17.20 -11.31
CA LYS B 342 17.52 17.51 -12.42
C LYS B 342 16.08 17.40 -11.91
N TRP B 343 15.81 16.36 -11.12
CA TRP B 343 14.47 16.11 -10.61
C TRP B 343 14.09 17.14 -9.56
N MET B 344 14.97 17.35 -8.58
CA MET B 344 14.74 18.41 -7.57
C MET B 344 14.56 19.83 -8.14
N ASN B 345 15.26 20.17 -9.22
CA ASN B 345 15.04 21.47 -9.85
C ASN B 345 13.60 21.62 -10.36
N ARG B 346 13.03 20.52 -10.83
CA ARG B 346 11.66 20.51 -11.35
C ARG B 346 10.62 20.43 -10.23
N TYR B 347 10.85 19.49 -9.30
CA TYR B 347 9.83 19.03 -8.36
C TYR B 347 10.08 19.38 -6.88
N GLY B 348 11.20 20.06 -6.61
CA GLY B 348 11.60 20.38 -5.26
C GLY B 348 10.61 21.11 -4.39
N LYS B 349 9.68 21.83 -4.99
CA LYS B 349 8.65 22.56 -4.22
C LYS B 349 7.83 21.65 -3.29
N ALA B 350 7.73 20.38 -3.67
CA ALA B 350 7.00 19.37 -2.89
C ALA B 350 7.90 18.64 -1.89
N VAL B 351 9.17 19.07 -1.81
CA VAL B 351 10.15 18.51 -0.87
C VAL B 351 10.59 19.58 0.12
N TYR B 352 11.25 20.63 -0.37
CA TYR B 352 11.74 21.67 0.54
C TYR B 352 10.61 22.31 1.34
N ALA B 353 10.80 22.36 2.64
CA ALA B 353 9.86 23.06 3.52
C ALA B 353 8.49 22.40 3.59
N CYS B 354 8.43 21.13 3.21
CA CYS B 354 7.19 20.36 3.22
C CYS B 354 7.14 19.40 4.42
N ASP B 355 5.99 18.75 4.62
CA ASP B 355 5.78 18.00 5.84
C ASP B 355 4.64 17.01 5.62
N TYR B 356 4.35 16.25 6.67
CA TYR B 356 3.23 15.30 6.71
C TYR B 356 1.88 15.97 6.45
N ALA B 357 1.12 15.38 5.54
CA ALA B 357 -0.14 15.98 5.00
C ALA B 357 -1.40 15.54 5.72
N GLY B 358 -1.36 14.42 6.43
CA GLY B 358 -2.54 13.96 7.16
C GLY B 358 -3.51 13.08 6.35
N PHE B 359 -3.10 12.62 5.17
CA PHE B 359 -3.96 11.81 4.27
C PHE B 359 -3.54 10.34 4.30
N GLU B 360 -4.49 9.44 4.10
CA GLU B 360 -4.17 8.03 4.07
C GLU B 360 -3.33 7.73 2.83
N LYS B 361 -2.32 6.91 3.02
CA LYS B 361 -1.40 6.57 1.96
C LYS B 361 -2.14 5.84 0.82
N GLN B 362 -1.78 6.20 -0.41
CA GLN B 362 -2.26 5.48 -1.60
C GLN B 362 -1.11 4.83 -2.40
N ASP B 363 -1.45 3.88 -3.30
CA ASP B 363 -0.45 3.08 -3.99
C ASP B 363 0.39 3.87 -4.98
N TRP B 364 -0.14 4.98 -5.48
CA TRP B 364 0.55 5.71 -6.55
C TRP B 364 1.79 6.49 -6.07
N GLY B 365 1.95 6.68 -4.75
CA GLY B 365 3.04 7.52 -4.31
C GLY B 365 2.74 8.17 -2.96
N TYR B 366 3.11 9.43 -2.81
CA TYR B 366 3.24 10.06 -1.50
C TYR B 366 2.56 11.41 -1.56
N TYR B 367 1.96 11.80 -0.45
CA TYR B 367 1.53 13.17 -0.28
C TYR B 367 2.57 13.96 0.50
N THR B 368 2.75 15.24 0.19
CA THR B 368 3.46 16.16 1.13
C THR B 368 2.65 17.42 1.29
N ARG B 369 2.82 18.13 2.40
CA ARG B 369 2.10 19.36 2.68
C ARG B 369 3.05 20.54 2.69
N GLY B 370 2.69 21.62 1.99
CA GLY B 370 3.50 22.83 1.97
C GLY B 370 3.18 23.79 3.12
N LYS B 371 3.91 24.89 3.16
CA LYS B 371 3.74 25.84 4.25
C LYS B 371 2.38 26.55 4.25
N ASN B 372 1.71 26.64 3.10
CA ASN B 372 0.42 27.33 3.05
C ASN B 372 -0.71 26.39 2.64
N ASP B 373 -0.63 25.17 3.15
CA ASP B 373 -1.69 24.17 3.01
C ASP B 373 -1.86 23.61 1.59
N GLU B 374 -0.86 23.81 0.75
CA GLU B 374 -0.77 23.06 -0.47
C GLU B 374 -0.64 21.59 -0.09
N VAL B 375 -1.35 20.73 -0.82
CA VAL B 375 -1.12 19.30 -0.73
C VAL B 375 -0.60 18.82 -2.07
N TYR B 376 0.60 18.24 -2.06
CA TYR B 376 1.24 17.74 -3.26
C TYR B 376 1.09 16.24 -3.34
N MET B 377 0.67 15.76 -4.50
CA MET B 377 0.72 14.37 -4.83
C MET B 377 2.00 14.11 -5.62
N VAL B 378 2.84 13.22 -5.10
CA VAL B 378 4.07 12.82 -5.79
C VAL B 378 3.94 11.43 -6.32
N VAL B 379 3.78 11.33 -7.64
CA VAL B 379 3.38 10.07 -8.24
C VAL B 379 4.58 9.32 -8.71
N PHE B 380 4.76 8.12 -8.14
CA PHE B 380 5.85 7.24 -8.49
C PHE B 380 5.37 6.02 -9.26
N ASN B 381 4.10 5.66 -9.12
CA ASN B 381 3.53 4.50 -9.78
C ASN B 381 2.27 4.93 -10.55
N GLN B 382 2.40 4.94 -11.88
CA GLN B 382 1.38 5.46 -12.77
C GLN B 382 0.28 4.40 -12.98
N PRO B 383 -0.95 4.70 -12.55
CA PRO B 383 -2.04 3.79 -12.74
C PRO B 383 -2.48 3.70 -14.21
N TYR B 384 -2.64 2.50 -14.71
CA TYR B 384 -3.23 2.27 -16.03
C TYR B 384 -4.68 2.73 -16.13
N SER B 385 -5.34 2.89 -14.98
CA SER B 385 -6.71 3.40 -14.93
C SER B 385 -6.77 4.87 -15.25
N GLU B 386 -5.61 5.55 -15.24
CA GLU B 386 -5.51 6.96 -15.56
C GLU B 386 -6.13 7.83 -14.49
N ARG B 387 -6.34 7.24 -13.30
CA ARG B 387 -7.02 7.91 -12.20
C ARG B 387 -6.21 7.64 -10.92
N LEU B 388 -5.96 8.69 -10.19
CA LEU B 388 -5.21 8.66 -8.94
C LEU B 388 -6.20 8.81 -7.79
N ILE B 389 -6.34 7.77 -6.98
CA ILE B 389 -7.35 7.77 -5.93
C ILE B 389 -6.88 8.68 -4.81
N VAL B 390 -7.73 9.61 -4.42
CA VAL B 390 -7.48 10.47 -3.27
C VAL B 390 -8.61 10.35 -2.26
N LYS B 391 -8.33 9.72 -1.11
CA LYS B 391 -9.28 9.68 0.00
C LYS B 391 -8.92 10.80 0.99
N THR B 392 -9.89 11.67 1.29
CA THR B 392 -9.63 12.88 2.06
C THR B 392 -10.00 12.67 3.52
N PRO B 393 -9.31 13.36 4.44
CA PRO B 393 -9.73 13.17 5.83
C PRO B 393 -11.09 13.81 6.06
N LYS B 394 -11.75 13.46 7.17
CA LYS B 394 -13.00 14.09 7.59
C LYS B 394 -12.95 15.61 7.43
N GLY B 395 -13.98 16.15 6.78
CA GLY B 395 -14.07 17.59 6.59
C GLY B 395 -13.19 18.24 5.53
N ILE B 396 -12.40 17.46 4.79
CA ILE B 396 -11.51 18.02 3.79
C ILE B 396 -12.07 17.76 2.40
N THR B 397 -12.19 18.81 1.60
CA THR B 397 -12.56 18.73 0.19
C THR B 397 -11.43 19.17 -0.72
N VAL B 398 -11.34 18.54 -1.89
CA VAL B 398 -10.42 18.95 -2.93
C VAL B 398 -11.13 19.88 -3.91
N GLU B 399 -10.64 21.12 -4.00
CA GLU B 399 -11.23 22.16 -4.84
C GLU B 399 -10.64 22.22 -6.24
N LYS B 400 -9.34 21.93 -6.37
CA LYS B 400 -8.64 21.99 -7.65
C LYS B 400 -7.41 21.08 -7.65
N ALA B 401 -6.99 20.66 -8.83
CA ALA B 401 -5.73 19.99 -9.03
C ALA B 401 -5.01 20.63 -10.23
N THR B 402 -3.68 20.77 -10.11
CA THR B 402 -2.84 21.44 -11.12
C THR B 402 -1.58 20.60 -11.36
N LEU B 403 -1.15 20.38 -12.60
CA LEU B 403 0.16 19.77 -12.83
C LEU B 403 1.20 20.83 -12.48
N LEU B 404 2.08 20.51 -11.53
CA LEU B 404 2.96 21.53 -10.98
C LEU B 404 3.86 22.16 -12.06
N THR B 405 4.47 21.35 -12.93
CA THR B 405 5.49 21.86 -13.85
C THR B 405 4.92 22.65 -15.04
N THR B 406 3.65 22.47 -15.35
CA THR B 406 3.05 23.12 -16.52
C THR B 406 1.89 24.06 -16.20
N GLY B 407 1.32 23.94 -15.00
CA GLY B 407 0.15 24.76 -14.63
C GLY B 407 -1.17 24.25 -15.17
N GLU B 408 -1.15 23.14 -15.90
CA GLU B 408 -2.36 22.64 -16.57
C GLU B 408 -3.35 22.04 -15.56
N ASP B 409 -4.61 22.39 -15.72
CA ASP B 409 -5.65 21.97 -14.80
C ASP B 409 -5.92 20.47 -15.00
N ILE B 410 -6.14 19.78 -13.88
CA ILE B 410 -6.30 18.34 -13.84
C ILE B 410 -7.73 18.06 -13.33
N THR B 411 -8.45 17.21 -14.06
CA THR B 411 -9.82 16.81 -13.67
C THR B 411 -9.85 16.10 -12.31
N VAL B 412 -10.74 16.54 -11.43
CA VAL B 412 -11.00 15.93 -10.13
C VAL B 412 -12.49 15.56 -10.08
N VAL B 413 -12.74 14.26 -9.91
CA VAL B 413 -14.09 13.70 -9.91
C VAL B 413 -14.39 13.05 -8.56
N GLU B 414 -15.50 13.42 -7.93
CA GLU B 414 -15.90 12.77 -6.68
C GLU B 414 -16.47 11.37 -7.01
N THR B 415 -15.95 10.33 -6.34
CA THR B 415 -16.42 8.96 -6.55
C THR B 415 -17.31 8.39 -5.43
N THR B 416 -17.02 8.75 -4.19
CA THR B 416 -17.91 8.44 -3.07
C THR B 416 -17.67 9.54 -2.06
N ARG B 417 -18.27 9.43 -0.87
CA ARG B 417 -18.02 10.45 0.13
C ARG B 417 -16.54 10.32 0.55
N ASN B 418 -15.87 11.45 0.72
CA ASN B 418 -14.44 11.44 1.08
C ASN B 418 -13.50 10.75 0.07
N GLU B 419 -13.93 10.55 -1.18
CA GLU B 419 -13.02 9.96 -2.16
C GLU B 419 -13.14 10.60 -3.54
N TYR B 420 -11.99 10.87 -4.16
CA TYR B 420 -11.94 11.44 -5.50
C TYR B 420 -11.05 10.58 -6.38
N ASN B 421 -11.31 10.63 -7.68
CA ASN B 421 -10.35 10.28 -8.70
C ASN B 421 -9.72 11.54 -9.22
N VAL B 422 -8.40 11.60 -9.16
CA VAL B 422 -7.66 12.71 -9.78
C VAL B 422 -7.03 12.18 -11.04
N SER B 423 -7.34 12.81 -12.16
CA SER B 423 -6.82 12.36 -13.45
C SER B 423 -5.30 12.51 -13.53
N VAL B 424 -4.65 11.55 -14.20
CA VAL B 424 -3.25 11.66 -14.60
C VAL B 424 -3.18 12.73 -15.69
N PRO B 425 -2.00 13.31 -15.89
CA PRO B 425 -1.87 14.26 -16.99
C PRO B 425 -2.14 13.60 -18.34
N LYS B 426 -2.58 14.39 -19.30
CA LYS B 426 -2.87 13.86 -20.64
C LYS B 426 -1.64 13.36 -21.39
N LYS B 427 -0.46 13.93 -21.11
CA LYS B 427 0.81 13.32 -21.53
C LYS B 427 1.56 12.82 -20.32
N ASN B 428 1.91 11.53 -20.34
CA ASN B 428 2.76 10.94 -19.31
C ASN B 428 4.04 11.80 -19.16
N PRO B 429 4.23 12.44 -17.98
CA PRO B 429 5.52 13.12 -17.71
C PRO B 429 6.76 12.26 -17.91
N GLY B 430 6.62 10.95 -17.81
CA GLY B 430 7.73 10.03 -18.04
C GLY B 430 8.74 9.93 -16.91
N GLU B 431 8.39 10.52 -15.77
CA GLU B 431 9.21 10.45 -14.54
C GLU B 431 8.30 10.68 -13.34
N PRO B 432 8.78 10.40 -12.11
CA PRO B 432 7.90 10.79 -11.03
C PRO B 432 7.55 12.25 -11.11
N TYR B 433 6.28 12.57 -10.87
CA TYR B 433 5.79 13.94 -11.03
C TYR B 433 4.87 14.38 -9.92
N VAL B 434 4.54 15.66 -9.92
CA VAL B 434 3.79 16.29 -8.85
C VAL B 434 2.51 16.89 -9.41
N ILE B 435 1.41 16.61 -8.73
CA ILE B 435 0.17 17.34 -8.90
C ILE B 435 -0.12 18.07 -7.62
N GLN B 436 -0.50 19.33 -7.74
CA GLN B 436 -0.76 20.13 -6.58
C GLN B 436 -2.25 20.26 -6.35
N LEU B 437 -2.70 19.95 -5.14
CA LEU B 437 -4.12 20.09 -4.75
C LEU B 437 -4.35 21.34 -3.96
N LYS B 438 -5.45 22.04 -4.26
CA LYS B 438 -5.99 23.06 -3.40
C LYS B 438 -7.05 22.39 -2.56
N VAL B 439 -6.94 22.45 -1.24
CA VAL B 439 -7.90 21.79 -0.38
C VAL B 439 -8.59 22.76 0.55
N ARG B 440 -9.71 22.36 1.12
CA ARG B 440 -10.52 23.16 2.01
C ARG B 440 -10.92 22.37 3.23
N ALA B 441 -10.79 22.95 4.38
CA ALA B 441 -11.26 22.31 5.59
C ALA B 441 -12.56 22.96 6.05
N ALA B 442 -13.48 22.14 6.53
CA ALA B 442 -14.76 22.63 7.01
C ALA B 442 -14.65 23.28 8.37
N LYS B 443 -15.76 23.42 9.07
CA LYS B 443 -15.76 24.07 10.38
C LYS B 443 -15.19 25.43 10.31
O2 FHN C . -31.44 -4.92 -1.33
C2 FHN C . -30.55 -5.75 -2.11
C3 FHN C . -30.08 -4.97 -3.33
O3 FHN C . -31.23 -4.58 -4.06
C4 FHN C . -29.19 -5.85 -4.16
O4 FHN C . -29.91 -7.01 -4.64
C5 FHN C . -28.01 -6.29 -3.30
C7 FHN C . -27.13 -7.25 -4.09
O7 FHN C . -26.06 -7.62 -3.23
N FHN C . -28.41 -7.00 -2.06
C1 FHN C . -29.39 -6.21 -1.27
C6 FHN C . -28.72 -5.03 -0.52
O6 FHN C . -27.63 -5.57 0.21
C1 GOL D . -26.50 -9.40 4.90
O1 GOL D . -27.38 -8.56 4.20
C2 GOL D . -25.07 -8.87 4.97
O2 GOL D . -24.28 -9.57 4.05
C3 GOL D . -24.49 -9.04 6.38
O3 GOL D . -24.55 -7.82 7.08
C1 GOL E . -17.94 -9.63 5.70
O1 GOL E . -17.95 -9.20 4.35
C2 GOL E . -16.70 -9.12 6.43
O2 GOL E . -17.05 -7.97 7.18
C3 GOL E . -16.11 -10.21 7.33
O3 GOL E . -15.04 -10.85 6.66
N1 IMD F . -31.15 -2.75 2.92
C2 IMD F . -31.60 -2.67 4.19
N3 IMD F . -30.62 -3.09 5.02
C4 IMD F . -29.56 -3.45 4.28
C5 IMD F . -29.88 -3.24 2.96
N1 IMD G . -5.36 -2.08 -28.33
C2 IMD G . -4.65 -1.38 -27.44
N3 IMD G . -5.23 -0.18 -27.26
C4 IMD G . -6.32 -0.12 -28.05
C5 IMD G . -6.39 -1.34 -28.72
O2 FHN H . 29.39 2.27 11.86
C2 FHN H . 28.76 3.40 11.31
C3 FHN H . 28.81 3.36 9.79
O3 FHN H . 30.19 3.23 9.36
C4 FHN H . 28.17 4.60 9.23
O4 FHN H . 28.90 5.77 9.66
C5 FHN H . 26.72 4.71 9.71
C7 FHN H . 26.05 6.00 9.20
O7 FHN H . 24.72 5.93 9.71
N FHN H . 26.65 4.69 11.17
C1 FHN H . 27.30 3.51 11.81
C6 FHN H . 26.45 2.24 11.67
O6 FHN H . 25.17 2.54 12.27
C1 GOL I . 28.14 -1.89 10.79
O1 GOL I . 29.23 -2.78 10.80
C2 GOL I . 27.53 -1.86 9.39
O2 GOL I . 26.33 -1.09 9.40
C3 GOL I . 28.56 -1.36 8.36
O3 GOL I . 28.39 0.02 8.01
C1 GOL J . 0.44 2.57 -0.50
O1 GOL J . 1.75 2.21 -0.18
C2 GOL J . -0.67 1.77 0.16
O2 GOL J . -1.75 2.21 -0.54
C3 GOL J . -0.92 1.93 1.67
O3 GOL J . -2.16 1.34 2.07
C1 GOL K . 5.98 2.50 -4.72
O1 GOL K . 6.78 1.43 -4.30
C2 GOL K . 6.53 3.86 -4.27
O2 GOL K . 7.45 3.63 -3.23
C3 GOL K . 5.43 4.84 -3.84
O3 GOL K . 4.65 4.39 -2.75
N1 IMD L . 27.03 -1.66 14.58
C2 IMD L . 26.24 -1.29 15.61
N3 IMD L . 26.43 -2.16 16.62
C4 IMD L . 27.34 -3.08 16.23
C5 IMD L . 27.72 -2.76 14.94
N1 IMD M . 38.15 -2.80 14.87
C2 IMD M . 39.04 -2.16 15.67
N3 IMD M . 38.86 -2.59 16.93
C4 IMD M . 37.86 -3.51 16.93
C5 IMD M . 37.41 -3.65 15.63
#